data_8SKE
#
_entry.id   8SKE
#
_entity_poly.entity_id   1
_entity_poly.type   'polypeptide(L)'
_entity_poly.pdbx_seq_one_letter_code
;MGSSHHHHHHSSGLVPRGSHMKTVEVNGVKYDFDNPEQAREMAERIAKSLGLQVRLEGDTFKIE
;
_entity_poly.pdbx_strand_id   A
#
# COMPACT_ATOMS: atom_id res chain seq x y z
N MET A 1 7.76 20.17 -11.35
CA MET A 1 8.53 19.15 -10.62
C MET A 1 7.59 18.06 -10.10
N GLY A 2 7.97 16.78 -10.32
CA GLY A 2 7.23 15.63 -9.79
C GLY A 2 7.88 15.08 -8.53
N SER A 3 8.40 15.99 -7.70
CA SER A 3 9.22 15.66 -6.51
C SER A 3 8.37 15.49 -5.24
N SER A 4 7.16 14.94 -5.40
CA SER A 4 6.24 14.69 -4.28
C SER A 4 6.61 13.34 -3.58
N HIS A 5 7.84 13.32 -3.03
CA HIS A 5 8.44 12.15 -2.35
C HIS A 5 9.30 12.64 -1.17
N HIS A 6 9.88 11.68 -0.43
CA HIS A 6 10.80 11.97 0.70
C HIS A 6 12.14 12.50 0.16
N HIS A 7 12.33 13.83 0.27
CA HIS A 7 13.62 14.50 -0.01
C HIS A 7 13.96 15.46 1.15
N HIS A 8 13.65 15.00 2.37
CA HIS A 8 13.88 15.74 3.62
C HIS A 8 14.56 14.80 4.64
N HIS A 9 15.91 14.82 4.65
CA HIS A 9 16.71 13.93 5.52
C HIS A 9 16.80 14.52 6.94
N HIS A 10 15.64 14.57 7.62
CA HIS A 10 15.49 15.05 9.01
C HIS A 10 14.34 14.26 9.65
N SER A 11 14.69 13.09 10.21
CA SER A 11 13.73 12.21 10.89
C SER A 11 13.23 12.89 12.19
N SER A 12 11.97 13.38 12.14
CA SER A 12 11.39 14.17 13.24
C SER A 12 9.96 13.65 13.55
N GLY A 13 9.17 14.44 14.30
CA GLY A 13 7.84 14.00 14.75
C GLY A 13 7.95 13.08 15.96
N LEU A 14 8.92 13.41 16.85
CA LEU A 14 9.28 12.64 18.07
C LEU A 14 10.00 11.33 17.69
N VAL A 15 10.37 11.22 16.39
CA VAL A 15 10.97 10.02 15.78
C VAL A 15 10.06 8.78 16.02
N PRO A 16 8.96 8.64 15.23
CA PRO A 16 7.93 7.59 15.45
C PRO A 16 8.36 6.19 14.93
N ARG A 17 7.41 5.22 14.98
CA ARG A 17 7.59 3.91 14.35
C ARG A 17 7.57 4.08 12.82
N GLY A 18 8.77 4.26 12.23
CA GLY A 18 8.92 4.48 10.79
C GLY A 18 8.77 3.21 9.98
N SER A 19 7.51 2.76 9.83
CA SER A 19 7.16 1.58 9.03
C SER A 19 7.23 1.90 7.53
N HIS A 20 7.00 0.87 6.70
CA HIS A 20 6.86 1.05 5.25
C HIS A 20 5.46 1.62 4.93
N MET A 21 5.32 2.26 3.75
CA MET A 21 4.04 2.85 3.31
C MET A 21 2.99 1.73 3.14
N LYS A 22 1.72 2.01 3.54
CA LYS A 22 0.61 1.04 3.47
C LYS A 22 0.31 0.66 2.01
N THR A 23 1.01 -0.39 1.56
CA THR A 23 1.03 -0.84 0.16
C THR A 23 -0.13 -1.81 -0.12
N VAL A 24 -0.64 -1.79 -1.35
CA VAL A 24 -1.67 -2.71 -1.84
C VAL A 24 -1.03 -3.76 -2.76
N GLU A 25 -0.87 -4.99 -2.24
CA GLU A 25 -0.24 -6.09 -2.98
C GLU A 25 -1.31 -7.00 -3.59
N VAL A 26 -1.64 -6.79 -4.87
CA VAL A 26 -2.62 -7.61 -5.60
C VAL A 26 -1.91 -8.65 -6.48
N ASN A 27 -2.31 -9.92 -6.32
CA ASN A 27 -1.77 -11.07 -7.10
C ASN A 27 -0.23 -11.19 -6.87
N GLY A 28 0.25 -10.68 -5.70
CA GLY A 28 1.67 -10.75 -5.32
C GLY A 28 2.49 -9.54 -5.79
N VAL A 29 1.87 -8.67 -6.61
CA VAL A 29 2.50 -7.46 -7.14
C VAL A 29 2.09 -6.25 -6.25
N LYS A 30 3.09 -5.52 -5.72
CA LYS A 30 2.88 -4.41 -4.77
C LYS A 30 2.56 -3.08 -5.51
N TYR A 31 1.62 -2.30 -4.94
CA TYR A 31 1.18 -0.99 -5.48
C TYR A 31 0.98 0.02 -4.34
N ASP A 32 1.94 0.94 -4.18
CA ASP A 32 1.84 2.05 -3.21
C ASP A 32 1.01 3.20 -3.79
N PHE A 33 0.60 4.14 -2.92
CA PHE A 33 -0.26 5.28 -3.32
C PHE A 33 0.25 6.58 -2.68
N ASP A 34 -0.43 7.68 -3.00
CA ASP A 34 -0.17 9.00 -2.41
C ASP A 34 -0.68 9.02 -0.95
N ASN A 35 -1.92 8.54 -0.79
CA ASN A 35 -2.60 8.43 0.52
C ASN A 35 -3.11 6.98 0.71
N PRO A 36 -2.90 6.36 1.92
CA PRO A 36 -3.31 4.96 2.20
C PRO A 36 -4.84 4.75 2.19
N GLU A 37 -5.57 5.87 2.30
CA GLU A 37 -7.05 5.89 2.30
C GLU A 37 -7.53 5.63 0.86
N GLN A 38 -6.83 6.28 -0.08
CA GLN A 38 -7.08 6.15 -1.53
C GLN A 38 -6.59 4.78 -2.03
N ALA A 39 -5.54 4.25 -1.35
CA ALA A 39 -4.99 2.92 -1.61
C ALA A 39 -6.00 1.83 -1.27
N ARG A 40 -6.65 1.97 -0.11
CA ARG A 40 -7.62 0.98 0.42
C ARG A 40 -8.87 0.91 -0.46
N GLU A 41 -9.40 2.08 -0.88
CA GLU A 41 -10.60 2.12 -1.74
C GLU A 41 -10.28 1.50 -3.11
N MET A 42 -9.08 1.82 -3.64
CA MET A 42 -8.55 1.22 -4.89
C MET A 42 -8.45 -0.31 -4.76
N ALA A 43 -7.95 -0.76 -3.59
CA ALA A 43 -7.77 -2.17 -3.25
C ALA A 43 -9.08 -2.94 -3.38
N GLU A 44 -10.11 -2.44 -2.71
CA GLU A 44 -11.43 -3.10 -2.67
C GLU A 44 -12.16 -3.03 -4.03
N ARG A 45 -11.81 -2.01 -4.85
CA ARG A 45 -12.31 -1.87 -6.24
C ARG A 45 -11.61 -2.88 -7.18
N ILE A 46 -10.33 -3.21 -6.89
CA ILE A 46 -9.57 -4.24 -7.63
C ILE A 46 -10.07 -5.65 -7.24
N ALA A 47 -10.42 -5.80 -5.95
CA ALA A 47 -10.87 -7.08 -5.37
C ALA A 47 -12.13 -7.59 -6.06
N LYS A 48 -13.16 -6.73 -6.07
CA LYS A 48 -14.46 -7.03 -6.71
C LYS A 48 -14.33 -7.19 -8.23
N SER A 49 -13.29 -6.55 -8.83
CA SER A 49 -13.00 -6.64 -10.28
C SER A 49 -12.48 -8.04 -10.65
N LEU A 50 -11.45 -8.50 -9.91
CA LEU A 50 -10.77 -9.79 -10.18
C LEU A 50 -11.42 -10.96 -9.41
N GLY A 51 -12.44 -10.64 -8.57
CA GLY A 51 -13.12 -11.65 -7.75
C GLY A 51 -12.34 -12.03 -6.49
N LEU A 52 -11.21 -11.35 -6.25
CA LEU A 52 -10.32 -11.60 -5.11
C LEU A 52 -10.81 -10.85 -3.84
N GLN A 53 -10.06 -10.96 -2.74
CA GLN A 53 -10.41 -10.33 -1.45
C GLN A 53 -9.20 -9.57 -0.88
N VAL A 54 -9.45 -8.37 -0.31
CA VAL A 54 -8.37 -7.54 0.26
C VAL A 54 -8.10 -7.94 1.72
N ARG A 55 -7.12 -8.83 1.88
CA ARG A 55 -6.58 -9.25 3.17
C ARG A 55 -5.41 -8.32 3.52
N LEU A 56 -5.73 -7.23 4.24
CA LEU A 56 -4.70 -6.36 4.83
C LEU A 56 -4.02 -7.11 5.99
N GLU A 57 -2.70 -7.24 5.87
CA GLU A 57 -1.86 -7.99 6.79
C GLU A 57 -0.65 -7.11 7.11
N GLY A 58 -0.68 -6.50 8.31
CA GLY A 58 0.25 -5.45 8.68
C GLY A 58 -0.14 -4.12 8.05
N ASP A 59 0.61 -3.70 7.02
CA ASP A 59 0.31 -2.50 6.21
C ASP A 59 0.05 -2.89 4.74
N THR A 60 0.40 -4.15 4.37
CA THR A 60 0.20 -4.65 3.00
C THR A 60 -1.23 -5.21 2.81
N PHE A 61 -2.08 -4.42 2.13
CA PHE A 61 -3.40 -4.83 1.66
C PHE A 61 -3.26 -5.88 0.53
N LYS A 62 -3.04 -7.14 0.93
CA LYS A 62 -2.81 -8.25 -0.01
C LYS A 62 -4.13 -8.75 -0.59
N ILE A 63 -4.37 -8.47 -1.88
CA ILE A 63 -5.60 -8.88 -2.58
C ILE A 63 -5.38 -10.27 -3.22
N GLU A 64 -5.78 -11.33 -2.48
CA GLU A 64 -5.67 -12.73 -2.93
C GLU A 64 -6.97 -13.46 -2.50
N MET A 1 7.76 9.89 -50.78
CA MET A 1 8.28 8.73 -50.02
C MET A 1 8.73 9.19 -48.61
N GLY A 2 9.09 8.22 -47.75
CA GLY A 2 9.54 8.50 -46.38
C GLY A 2 9.10 7.41 -45.42
N SER A 3 8.53 7.80 -44.27
CA SER A 3 8.00 6.87 -43.25
C SER A 3 7.08 7.63 -42.27
N SER A 4 7.54 8.83 -41.85
CA SER A 4 6.79 9.77 -40.97
C SER A 4 6.47 9.14 -39.59
N HIS A 5 7.33 8.20 -39.16
CA HIS A 5 7.15 7.42 -37.92
C HIS A 5 8.47 7.44 -37.11
N HIS A 6 9.11 8.62 -37.04
CA HIS A 6 10.34 8.82 -36.26
C HIS A 6 9.96 9.03 -34.78
N HIS A 7 9.66 7.92 -34.10
CA HIS A 7 9.36 7.86 -32.66
C HIS A 7 9.95 6.57 -32.07
N HIS A 8 10.39 6.65 -30.81
CA HIS A 8 10.95 5.52 -30.06
C HIS A 8 10.79 5.80 -28.55
N HIS A 9 11.15 4.84 -27.70
CA HIS A 9 11.02 4.99 -26.23
C HIS A 9 12.00 4.08 -25.47
N HIS A 10 12.08 4.30 -24.16
CA HIS A 10 12.96 3.55 -23.24
C HIS A 10 12.21 3.30 -21.93
N SER A 11 12.74 2.36 -21.12
CA SER A 11 12.25 2.10 -19.77
C SER A 11 12.67 3.27 -18.87
N SER A 12 11.68 4.06 -18.42
CA SER A 12 11.90 5.27 -17.63
C SER A 12 11.61 4.99 -16.14
N GLY A 13 12.61 4.42 -15.45
CA GLY A 13 12.50 4.03 -14.04
C GLY A 13 11.56 2.84 -13.82
N LEU A 14 11.49 1.94 -14.83
CA LEU A 14 10.65 0.74 -14.80
C LEU A 14 11.31 -0.32 -13.88
N VAL A 15 10.99 -0.24 -12.58
CA VAL A 15 11.52 -1.14 -11.54
C VAL A 15 10.37 -1.56 -10.58
N PRO A 16 10.03 -2.88 -10.46
CA PRO A 16 9.05 -3.35 -9.44
C PRO A 16 9.66 -3.27 -8.00
N ARG A 17 9.47 -2.11 -7.36
CA ARG A 17 9.96 -1.83 -6.00
C ARG A 17 8.97 -0.91 -5.27
N GLY A 18 7.94 -1.53 -4.68
CA GLY A 18 6.94 -0.84 -3.85
C GLY A 18 6.98 -1.33 -2.41
N SER A 19 8.19 -1.30 -1.83
CA SER A 19 8.48 -1.84 -0.49
C SER A 19 8.10 -0.83 0.61
N HIS A 20 6.78 -0.78 0.93
CA HIS A 20 6.21 0.11 1.96
C HIS A 20 5.11 -0.64 2.73
N MET A 21 4.62 -0.05 3.84
CA MET A 21 3.45 -0.58 4.59
C MET A 21 2.14 -0.07 3.96
N LYS A 22 2.21 1.13 3.36
CA LYS A 22 1.09 1.82 2.67
C LYS A 22 0.90 1.32 1.21
N THR A 23 1.05 -0.01 1.02
CA THR A 23 1.11 -0.65 -0.30
C THR A 23 -0.12 -1.55 -0.55
N VAL A 24 -0.56 -1.59 -1.81
CA VAL A 24 -1.62 -2.49 -2.30
C VAL A 24 -0.99 -3.60 -3.15
N GLU A 25 -0.86 -4.81 -2.58
CA GLU A 25 -0.37 -5.98 -3.33
C GLU A 25 -1.55 -6.75 -3.92
N VAL A 26 -1.68 -6.74 -5.24
CA VAL A 26 -2.64 -7.60 -5.95
C VAL A 26 -1.89 -8.48 -6.96
N ASN A 27 -2.23 -9.80 -6.94
CA ASN A 27 -1.68 -10.81 -7.87
C ASN A 27 -0.13 -10.91 -7.70
N GLY A 28 0.34 -10.58 -6.48
CA GLY A 28 1.77 -10.63 -6.12
C GLY A 28 2.49 -9.29 -6.32
N VAL A 29 1.91 -8.42 -7.15
CA VAL A 29 2.53 -7.14 -7.54
C VAL A 29 2.16 -6.06 -6.51
N LYS A 30 3.19 -5.45 -5.90
CA LYS A 30 3.03 -4.44 -4.84
C LYS A 30 3.02 -3.01 -5.41
N TYR A 31 1.81 -2.43 -5.51
CA TYR A 31 1.56 -1.05 -5.95
C TYR A 31 1.50 -0.11 -4.74
N ASP A 32 2.59 0.62 -4.47
CA ASP A 32 2.64 1.57 -3.34
C ASP A 32 1.84 2.83 -3.67
N PHE A 33 0.97 3.27 -2.75
CA PHE A 33 -0.06 4.29 -3.06
C PHE A 33 0.29 5.66 -2.42
N ASP A 34 -0.59 6.64 -2.70
CA ASP A 34 -0.49 8.01 -2.17
C ASP A 34 -0.73 8.02 -0.65
N ASN A 35 -1.87 7.46 -0.24
CA ASN A 35 -2.30 7.33 1.16
C ASN A 35 -2.99 5.96 1.36
N PRO A 36 -2.81 5.29 2.55
CA PRO A 36 -3.55 4.03 2.93
C PRO A 36 -5.09 4.15 2.79
N GLU A 37 -5.61 5.38 2.87
CA GLU A 37 -7.04 5.68 2.67
C GLU A 37 -7.45 5.36 1.22
N GLN A 38 -6.69 5.96 0.29
CA GLN A 38 -6.94 5.84 -1.16
C GLN A 38 -6.45 4.47 -1.68
N ALA A 39 -5.53 3.86 -0.90
CA ALA A 39 -5.03 2.50 -1.14
C ALA A 39 -6.17 1.50 -0.94
N ARG A 40 -6.91 1.70 0.17
CA ARG A 40 -8.12 0.94 0.53
C ARG A 40 -9.22 1.10 -0.55
N GLU A 41 -9.41 2.35 -1.01
CA GLU A 41 -10.41 2.68 -2.04
C GLU A 41 -10.16 1.89 -3.34
N MET A 42 -8.94 2.05 -3.89
CA MET A 42 -8.50 1.37 -5.12
C MET A 42 -8.52 -0.16 -4.95
N ALA A 43 -8.11 -0.62 -3.75
CA ALA A 43 -7.98 -2.06 -3.42
C ALA A 43 -9.30 -2.80 -3.59
N GLU A 44 -10.37 -2.28 -2.98
CA GLU A 44 -11.70 -2.91 -3.02
C GLU A 44 -12.29 -2.93 -4.45
N ARG A 45 -11.90 -1.94 -5.27
CA ARG A 45 -12.29 -1.89 -6.69
C ARG A 45 -11.66 -3.07 -7.46
N ILE A 46 -10.35 -3.28 -7.23
CA ILE A 46 -9.56 -4.36 -7.89
C ILE A 46 -10.02 -5.75 -7.37
N ALA A 47 -10.38 -5.80 -6.08
CA ALA A 47 -10.78 -7.04 -5.39
C ALA A 47 -12.02 -7.66 -6.02
N LYS A 48 -13.09 -6.86 -6.15
CA LYS A 48 -14.37 -7.33 -6.72
C LYS A 48 -14.25 -7.63 -8.23
N SER A 49 -13.29 -6.98 -8.90
CA SER A 49 -12.99 -7.22 -10.34
C SER A 49 -12.40 -8.63 -10.55
N LEU A 50 -11.37 -8.96 -9.75
CA LEU A 50 -10.65 -10.25 -9.85
C LEU A 50 -11.24 -11.30 -8.89
N GLY A 51 -12.34 -10.95 -8.19
CA GLY A 51 -13.05 -11.87 -7.29
C GLY A 51 -12.32 -12.14 -5.97
N LEU A 52 -11.20 -11.43 -5.73
CA LEU A 52 -10.37 -11.61 -4.52
C LEU A 52 -10.92 -10.77 -3.36
N GLN A 53 -10.22 -10.77 -2.21
CA GLN A 53 -10.55 -9.90 -1.06
C GLN A 53 -9.28 -9.21 -0.53
N VAL A 54 -9.43 -7.95 -0.08
CA VAL A 54 -8.29 -7.14 0.36
C VAL A 54 -7.88 -7.50 1.79
N ARG A 55 -6.90 -8.40 1.90
CA ARG A 55 -6.37 -8.83 3.20
C ARG A 55 -5.15 -7.98 3.55
N LEU A 56 -5.39 -6.88 4.27
CA LEU A 56 -4.31 -6.01 4.75
C LEU A 56 -3.54 -6.72 5.89
N GLU A 57 -2.38 -7.28 5.51
CA GLU A 57 -1.49 -7.99 6.44
C GLU A 57 -0.66 -6.90 7.14
N GLY A 58 -1.01 -6.63 8.40
CA GLY A 58 -0.58 -5.40 9.05
C GLY A 58 -1.32 -4.21 8.45
N ASP A 59 -0.63 -3.50 7.55
CA ASP A 59 -1.19 -2.34 6.81
C ASP A 59 -1.22 -2.62 5.30
N THR A 60 -0.29 -3.49 4.82
CA THR A 60 -0.17 -3.81 3.38
C THR A 60 -1.44 -4.48 2.85
N PHE A 61 -2.24 -3.72 2.07
CA PHE A 61 -3.51 -4.16 1.48
C PHE A 61 -3.26 -5.25 0.39
N LYS A 62 -3.09 -6.50 0.84
CA LYS A 62 -2.73 -7.64 -0.02
C LYS A 62 -4.01 -8.35 -0.51
N ILE A 63 -4.48 -7.90 -1.68
CA ILE A 63 -5.67 -8.43 -2.38
C ILE A 63 -5.38 -9.87 -2.87
N GLU A 64 -5.89 -10.85 -2.12
CA GLU A 64 -5.65 -12.28 -2.36
C GLU A 64 -6.98 -13.06 -2.22
N MET A 1 13.62 46.93 -9.57
CA MET A 1 13.72 45.46 -9.63
C MET A 1 15.18 45.05 -9.91
N GLY A 2 15.84 44.43 -8.92
CA GLY A 2 17.23 44.00 -9.05
C GLY A 2 17.79 43.41 -7.77
N SER A 3 17.46 42.13 -7.51
CA SER A 3 17.97 41.37 -6.35
C SER A 3 18.93 40.25 -6.84
N SER A 4 19.93 39.91 -6.00
CA SER A 4 20.89 38.83 -6.29
C SER A 4 20.25 37.46 -6.02
N HIS A 5 20.81 36.40 -6.64
CA HIS A 5 20.29 35.03 -6.50
C HIS A 5 20.46 34.52 -5.06
N HIS A 6 19.33 34.36 -4.37
CA HIS A 6 19.28 33.87 -2.99
C HIS A 6 19.38 32.33 -2.98
N HIS A 7 20.06 31.79 -1.96
CA HIS A 7 20.28 30.36 -1.80
C HIS A 7 19.11 29.70 -1.04
N HIS A 8 18.38 28.83 -1.74
CA HIS A 8 17.28 28.02 -1.17
C HIS A 8 17.86 26.92 -0.26
N HIS A 9 17.25 26.75 0.93
CA HIS A 9 17.60 25.66 1.86
C HIS A 9 16.35 25.24 2.62
N HIS A 10 16.04 23.93 2.57
CA HIS A 10 14.86 23.34 3.25
C HIS A 10 15.09 23.32 4.78
N SER A 11 13.99 23.36 5.54
CA SER A 11 14.01 23.19 7.00
C SER A 11 14.27 21.71 7.31
N SER A 12 15.55 21.37 7.56
CA SER A 12 15.99 19.99 7.83
C SER A 12 15.41 19.45 9.16
N GLY A 13 15.35 18.12 9.26
CA GLY A 13 14.74 17.43 10.39
C GLY A 13 13.87 16.27 9.95
N LEU A 14 13.67 16.13 8.61
CA LEU A 14 12.88 15.04 8.02
C LEU A 14 13.52 13.68 8.33
N VAL A 15 12.72 12.76 8.89
CA VAL A 15 13.15 11.39 9.21
C VAL A 15 13.42 10.61 7.90
N PRO A 16 14.46 9.71 7.86
CA PRO A 16 14.75 8.90 6.65
C PRO A 16 13.64 7.83 6.44
N ARG A 17 12.86 7.99 5.37
CA ARG A 17 11.80 7.03 4.99
C ARG A 17 12.46 5.73 4.48
N GLY A 18 12.55 4.74 5.38
CA GLY A 18 13.20 3.46 5.08
C GLY A 18 12.39 2.28 5.60
N SER A 19 11.08 2.31 5.32
CA SER A 19 10.14 1.24 5.65
C SER A 19 8.96 1.29 4.66
N HIS A 20 8.19 0.18 4.59
CA HIS A 20 7.12 0.00 3.58
C HIS A 20 5.74 -0.06 4.25
N MET A 21 4.86 0.88 3.85
CA MET A 21 3.45 0.94 4.30
C MET A 21 2.58 1.57 3.20
N LYS A 22 1.23 1.59 3.43
CA LYS A 22 0.23 2.17 2.47
C LYS A 22 0.20 1.39 1.14
N THR A 23 0.70 0.14 1.18
CA THR A 23 1.01 -0.64 -0.02
C THR A 23 -0.12 -1.64 -0.34
N VAL A 24 -0.49 -1.77 -1.63
CA VAL A 24 -1.49 -2.75 -2.10
C VAL A 24 -0.80 -3.81 -2.97
N GLU A 25 -0.70 -5.03 -2.44
CA GLU A 25 -0.16 -6.16 -3.20
C GLU A 25 -1.32 -6.94 -3.86
N VAL A 26 -1.45 -6.80 -5.18
CA VAL A 26 -2.40 -7.59 -5.99
C VAL A 26 -1.62 -8.47 -6.98
N ASN A 27 -1.86 -9.81 -6.90
CA ASN A 27 -1.24 -10.82 -7.77
C ASN A 27 0.30 -10.81 -7.63
N GLY A 28 0.78 -10.36 -6.44
CA GLY A 28 2.21 -10.32 -6.10
C GLY A 28 2.84 -8.95 -6.32
N VAL A 29 2.18 -8.12 -7.14
CA VAL A 29 2.66 -6.79 -7.52
C VAL A 29 2.20 -5.76 -6.47
N LYS A 30 3.18 -5.14 -5.79
CA LYS A 30 2.94 -4.13 -4.74
C LYS A 30 2.79 -2.72 -5.36
N TYR A 31 1.83 -1.95 -4.84
CA TYR A 31 1.52 -0.57 -5.27
C TYR A 31 1.52 0.35 -4.06
N ASP A 32 2.61 1.12 -3.86
CA ASP A 32 2.73 2.05 -2.73
C ASP A 32 1.94 3.34 -3.04
N PHE A 33 1.15 3.80 -2.06
CA PHE A 33 0.34 5.05 -2.17
C PHE A 33 0.81 6.08 -1.14
N ASP A 34 0.50 7.35 -1.39
CA ASP A 34 0.77 8.44 -0.43
C ASP A 34 -0.26 8.39 0.71
N ASN A 35 -1.51 8.06 0.35
CA ASN A 35 -2.65 7.99 1.26
C ASN A 35 -3.21 6.55 1.24
N PRO A 36 -3.28 5.85 2.42
CA PRO A 36 -3.78 4.45 2.51
C PRO A 36 -5.31 4.35 2.29
N GLU A 37 -5.98 5.51 2.17
CA GLU A 37 -7.41 5.60 1.82
C GLU A 37 -7.59 5.26 0.34
N GLN A 38 -6.82 5.96 -0.51
CA GLN A 38 -6.81 5.77 -1.97
C GLN A 38 -6.30 4.36 -2.32
N ALA A 39 -5.36 3.88 -1.48
CA ALA A 39 -4.84 2.50 -1.56
C ALA A 39 -5.96 1.48 -1.35
N ARG A 40 -6.72 1.66 -0.26
CA ARG A 40 -7.85 0.80 0.11
C ARG A 40 -8.94 0.81 -0.99
N GLU A 41 -9.27 2.02 -1.48
CA GLU A 41 -10.32 2.23 -2.48
C GLU A 41 -10.00 1.46 -3.78
N MET A 42 -8.78 1.67 -4.31
CA MET A 42 -8.30 0.97 -5.52
C MET A 42 -8.29 -0.54 -5.30
N ALA A 43 -7.83 -0.94 -4.09
CA ALA A 43 -7.73 -2.35 -3.67
C ALA A 43 -9.07 -3.08 -3.75
N GLU A 44 -10.10 -2.53 -3.08
CA GLU A 44 -11.42 -3.18 -2.95
C GLU A 44 -12.15 -3.27 -4.29
N ARG A 45 -11.97 -2.26 -5.15
CA ARG A 45 -12.63 -2.16 -6.47
C ARG A 45 -11.98 -3.11 -7.48
N ILE A 46 -10.65 -3.33 -7.35
CA ILE A 46 -9.92 -4.35 -8.13
C ILE A 46 -10.27 -5.77 -7.61
N ALA A 47 -10.37 -5.89 -6.27
CA ALA A 47 -10.60 -7.17 -5.57
C ALA A 47 -11.92 -7.80 -6.00
N LYS A 48 -13.01 -7.03 -5.86
CA LYS A 48 -14.37 -7.47 -6.24
C LYS A 48 -14.45 -7.75 -7.76
N SER A 49 -13.63 -7.04 -8.55
CA SER A 49 -13.55 -7.21 -10.01
C SER A 49 -12.91 -8.58 -10.35
N LEU A 50 -11.91 -8.98 -9.55
CA LEU A 50 -11.23 -10.29 -9.67
C LEU A 50 -12.10 -11.41 -9.07
N GLY A 51 -12.95 -11.04 -8.09
CA GLY A 51 -13.71 -11.98 -7.27
C GLY A 51 -13.03 -12.25 -5.93
N LEU A 52 -11.85 -11.62 -5.72
CA LEU A 52 -11.06 -11.72 -4.48
C LEU A 52 -11.54 -10.70 -3.42
N GLN A 53 -10.81 -10.66 -2.29
CA GLN A 53 -11.02 -9.67 -1.20
C GLN A 53 -9.66 -9.05 -0.85
N VAL A 54 -9.69 -7.97 -0.06
CA VAL A 54 -8.47 -7.27 0.37
C VAL A 54 -8.12 -7.67 1.81
N ARG A 55 -7.10 -8.52 1.95
CA ARG A 55 -6.56 -8.95 3.24
C ARG A 55 -5.43 -7.98 3.64
N LEU A 56 -5.78 -7.01 4.49
CA LEU A 56 -4.81 -6.06 5.02
C LEU A 56 -3.88 -6.78 6.03
N GLU A 57 -2.72 -7.21 5.54
CA GLU A 57 -1.67 -7.82 6.36
C GLU A 57 -0.74 -6.71 6.87
N GLY A 58 -1.11 -6.14 8.02
CA GLY A 58 -0.34 -5.07 8.62
C GLY A 58 -0.36 -3.80 7.77
N ASP A 59 0.73 -3.61 7.01
CA ASP A 59 0.97 -2.41 6.18
C ASP A 59 0.61 -2.67 4.69
N THR A 60 0.39 -3.96 4.33
CA THR A 60 0.20 -4.38 2.93
C THR A 60 -1.23 -4.95 2.70
N PHE A 61 -2.06 -4.17 1.96
CA PHE A 61 -3.36 -4.59 1.44
C PHE A 61 -3.17 -5.71 0.37
N LYS A 62 -3.09 -6.96 0.81
CA LYS A 62 -2.90 -8.12 -0.08
C LYS A 62 -4.26 -8.63 -0.62
N ILE A 63 -4.55 -8.30 -1.89
CA ILE A 63 -5.76 -8.76 -2.59
C ILE A 63 -5.65 -10.27 -2.89
N GLU A 64 -6.16 -11.09 -1.95
CA GLU A 64 -6.12 -12.57 -2.02
C GLU A 64 -7.46 -13.12 -1.46
N MET A 1 26.34 5.04 3.43
CA MET A 1 26.91 3.72 3.06
C MET A 1 25.78 2.70 2.87
N GLY A 2 24.97 2.48 3.94
CA GLY A 2 23.81 1.60 3.88
C GLY A 2 23.44 1.07 5.25
N SER A 3 22.71 1.89 6.03
CA SER A 3 22.26 1.54 7.39
C SER A 3 20.73 1.39 7.40
N SER A 4 20.24 0.15 7.65
CA SER A 4 18.80 -0.13 7.75
C SER A 4 18.29 0.40 9.11
N HIS A 5 18.01 1.73 9.15
CA HIS A 5 17.68 2.46 10.36
C HIS A 5 16.18 2.79 10.38
N HIS A 6 15.38 1.89 10.99
CA HIS A 6 13.91 2.05 11.07
C HIS A 6 13.53 2.76 12.38
N HIS A 7 13.64 4.09 12.35
CA HIS A 7 13.33 4.97 13.48
C HIS A 7 12.89 6.31 12.89
N HIS A 8 11.56 6.53 12.84
CA HIS A 8 10.97 7.81 12.40
C HIS A 8 11.39 8.90 13.38
N HIS A 9 12.43 9.65 12.99
CA HIS A 9 13.08 10.67 13.83
C HIS A 9 12.31 12.01 13.72
N HIS A 10 12.62 12.96 14.63
CA HIS A 10 12.16 14.36 14.51
C HIS A 10 12.78 14.99 13.24
N SER A 11 12.06 15.97 12.66
CA SER A 11 12.41 16.58 11.35
C SER A 11 13.84 17.14 11.33
N SER A 12 14.31 17.65 12.50
CA SER A 12 15.70 18.05 12.71
C SER A 12 16.58 16.79 12.78
N GLY A 13 17.15 16.38 11.62
CA GLY A 13 17.89 15.11 11.52
C GLY A 13 16.99 13.95 11.17
N LEU A 14 16.00 14.20 10.28
CA LEU A 14 14.97 13.20 9.86
C LEU A 14 15.58 11.99 9.10
N VAL A 15 14.70 11.04 8.74
CA VAL A 15 15.08 9.88 7.92
C VAL A 15 15.30 10.31 6.46
N PRO A 16 16.35 9.77 5.76
CA PRO A 16 16.58 10.04 4.31
C PRO A 16 15.44 9.46 3.42
N ARG A 17 15.69 9.41 2.10
CA ARG A 17 14.76 8.80 1.13
C ARG A 17 14.82 7.27 1.26
N GLY A 18 14.16 6.76 2.32
CA GLY A 18 14.10 5.35 2.64
C GLY A 18 12.83 5.00 3.42
N SER A 19 11.86 5.93 3.39
CA SER A 19 10.55 5.76 4.04
C SER A 19 9.62 4.97 3.09
N HIS A 20 8.95 3.95 3.64
CA HIS A 20 8.06 3.06 2.85
C HIS A 20 6.58 3.41 3.09
N MET A 21 5.95 3.92 2.02
CA MET A 21 4.53 4.33 2.00
C MET A 21 3.59 3.11 1.80
N LYS A 22 2.27 3.36 1.79
CA LYS A 22 1.24 2.31 1.92
C LYS A 22 1.22 1.37 0.69
N THR A 23 1.78 0.16 0.87
CA THR A 23 1.88 -0.83 -0.21
C THR A 23 0.57 -1.64 -0.36
N VAL A 24 0.00 -1.61 -1.59
CA VAL A 24 -1.11 -2.49 -1.98
C VAL A 24 -0.60 -3.54 -2.99
N GLU A 25 -0.42 -4.77 -2.50
CA GLU A 25 -0.07 -5.92 -3.31
C GLU A 25 -1.33 -6.61 -3.82
N VAL A 26 -1.62 -6.46 -5.11
CA VAL A 26 -2.70 -7.22 -5.77
C VAL A 26 -2.13 -8.45 -6.48
N ASN A 27 -2.49 -9.63 -5.95
CA ASN A 27 -2.20 -10.94 -6.56
C ASN A 27 -0.67 -11.15 -6.80
N GLY A 28 0.14 -10.43 -5.99
CA GLY A 28 1.60 -10.59 -6.00
C GLY A 28 2.33 -9.35 -6.52
N VAL A 29 1.64 -8.53 -7.34
CA VAL A 29 2.20 -7.27 -7.87
C VAL A 29 1.94 -6.13 -6.86
N LYS A 30 3.03 -5.56 -6.33
CA LYS A 30 2.98 -4.49 -5.32
C LYS A 30 2.92 -3.10 -5.96
N TYR A 31 2.12 -2.22 -5.32
CA TYR A 31 1.96 -0.79 -5.68
C TYR A 31 2.14 0.03 -4.41
N ASP A 32 2.44 1.33 -4.54
CA ASP A 32 2.67 2.22 -3.38
C ASP A 32 1.70 3.40 -3.42
N PHE A 33 1.20 3.77 -2.24
CA PHE A 33 0.21 4.85 -2.07
C PHE A 33 0.68 5.82 -0.98
N ASP A 34 0.58 7.12 -1.26
CA ASP A 34 0.81 8.20 -0.27
C ASP A 34 -0.32 8.23 0.78
N ASN A 35 -1.52 7.73 0.38
CA ASN A 35 -2.72 7.73 1.23
C ASN A 35 -3.31 6.29 1.32
N PRO A 36 -3.46 5.72 2.58
CA PRO A 36 -4.22 4.46 2.82
C PRO A 36 -5.72 4.58 2.44
N GLU A 37 -6.17 5.84 2.28
CA GLU A 37 -7.54 6.18 1.88
C GLU A 37 -7.79 5.70 0.44
N GLN A 38 -6.90 6.15 -0.47
CA GLN A 38 -6.93 5.76 -1.90
C GLN A 38 -6.56 4.28 -2.06
N ALA A 39 -5.69 3.80 -1.15
CA ALA A 39 -5.20 2.42 -1.13
C ALA A 39 -6.34 1.41 -0.97
N ARG A 40 -7.25 1.68 0.00
CA ARG A 40 -8.42 0.84 0.26
C ARG A 40 -9.42 0.90 -0.91
N GLU A 41 -9.67 2.13 -1.41
CA GLU A 41 -10.66 2.37 -2.48
C GLU A 41 -10.33 1.59 -3.76
N MET A 42 -9.11 1.83 -4.30
CA MET A 42 -8.64 1.14 -5.53
C MET A 42 -8.61 -0.38 -5.32
N ALA A 43 -8.18 -0.79 -4.12
CA ALA A 43 -8.06 -2.21 -3.73
C ALA A 43 -9.39 -2.95 -3.85
N GLU A 44 -10.46 -2.40 -3.25
CA GLU A 44 -11.80 -3.05 -3.19
C GLU A 44 -12.41 -3.19 -4.60
N ARG A 45 -12.16 -2.18 -5.44
CA ARG A 45 -12.66 -2.13 -6.83
C ARG A 45 -11.98 -3.20 -7.70
N ILE A 46 -10.65 -3.37 -7.49
CA ILE A 46 -9.87 -4.42 -8.18
C ILE A 46 -10.30 -5.82 -7.66
N ALA A 47 -10.52 -5.91 -6.34
CA ALA A 47 -10.83 -7.17 -5.63
C ALA A 47 -12.12 -7.80 -6.17
N LYS A 48 -13.17 -6.98 -6.30
CA LYS A 48 -14.48 -7.45 -6.83
C LYS A 48 -14.37 -7.79 -8.34
N SER A 49 -13.45 -7.10 -9.05
CA SER A 49 -13.18 -7.32 -10.49
C SER A 49 -12.46 -8.67 -10.71
N LEU A 50 -11.66 -9.09 -9.72
CA LEU A 50 -10.95 -10.38 -9.73
C LEU A 50 -11.76 -11.47 -8.99
N GLY A 51 -12.74 -11.03 -8.18
CA GLY A 51 -13.52 -11.91 -7.30
C GLY A 51 -12.84 -12.15 -5.95
N LEU A 52 -11.62 -11.60 -5.78
CA LEU A 52 -10.79 -11.78 -4.57
C LEU A 52 -11.23 -10.83 -3.43
N GLN A 53 -10.47 -10.83 -2.32
CA GLN A 53 -10.73 -9.97 -1.15
C GLN A 53 -9.47 -9.16 -0.82
N VAL A 54 -9.67 -7.95 -0.28
CA VAL A 54 -8.57 -7.11 0.21
C VAL A 54 -8.31 -7.43 1.67
N ARG A 55 -7.27 -8.20 1.92
CA ARG A 55 -6.86 -8.61 3.25
C ARG A 55 -5.47 -8.02 3.55
N LEU A 56 -5.43 -6.89 4.29
CA LEU A 56 -4.15 -6.30 4.71
C LEU A 56 -3.52 -7.19 5.78
N GLU A 57 -2.23 -7.44 5.63
CA GLU A 57 -1.44 -8.30 6.50
C GLU A 57 -0.42 -7.42 7.22
N GLY A 58 -0.81 -6.95 8.42
CA GLY A 58 0.00 -6.02 9.17
C GLY A 58 -0.31 -4.59 8.75
N ASP A 59 0.55 -4.04 7.90
CA ASP A 59 0.38 -2.67 7.35
C ASP A 59 -0.09 -2.74 5.89
N THR A 60 0.45 -3.71 5.14
CA THR A 60 0.35 -3.75 3.67
C THR A 60 -0.93 -4.45 3.21
N PHE A 61 -1.73 -3.76 2.36
CA PHE A 61 -2.93 -4.34 1.72
C PHE A 61 -2.51 -5.47 0.77
N LYS A 62 -3.22 -6.60 0.80
CA LYS A 62 -2.94 -7.78 -0.03
C LYS A 62 -4.25 -8.34 -0.59
N ILE A 63 -4.52 -8.05 -1.88
CA ILE A 63 -5.68 -8.59 -2.59
C ILE A 63 -5.40 -10.06 -2.97
N GLU A 64 -5.80 -10.97 -2.06
CA GLU A 64 -5.62 -12.42 -2.21
C GLU A 64 -6.95 -13.10 -1.89
N MET A 1 -19.22 0.19 16.42
CA MET A 1 -17.92 -0.46 16.71
C MET A 1 -16.95 0.57 17.31
N GLY A 2 -16.63 1.62 16.52
CA GLY A 2 -15.73 2.68 16.96
C GLY A 2 -15.16 3.47 15.78
N SER A 3 -13.99 4.10 16.00
CA SER A 3 -13.28 4.90 14.99
C SER A 3 -12.45 4.00 14.05
N SER A 4 -13.17 3.18 13.25
CA SER A 4 -12.56 2.23 12.30
C SER A 4 -12.07 2.94 11.03
N HIS A 5 -12.55 4.19 10.82
CA HIS A 5 -12.27 4.99 9.61
C HIS A 5 -12.12 6.48 9.97
N HIS A 6 -10.85 6.92 10.11
CA HIS A 6 -10.50 8.30 10.51
C HIS A 6 -10.46 9.21 9.26
N HIS A 7 -11.44 10.12 9.16
CA HIS A 7 -11.54 11.07 8.01
C HIS A 7 -10.50 12.19 8.17
N HIS A 8 -9.31 11.95 7.60
CA HIS A 8 -8.18 12.91 7.61
C HIS A 8 -7.57 12.97 6.20
N HIS A 9 -8.41 13.34 5.21
CA HIS A 9 -7.99 13.47 3.81
C HIS A 9 -7.01 14.64 3.66
N HIS A 10 -5.72 14.33 3.54
CA HIS A 10 -4.65 15.32 3.48
C HIS A 10 -3.67 14.95 2.34
N SER A 11 -3.53 15.86 1.38
CA SER A 11 -2.53 15.74 0.30
C SER A 11 -1.25 16.45 0.75
N SER A 12 -0.08 15.88 0.40
CA SER A 12 1.23 16.38 0.84
C SER A 12 1.57 17.76 0.21
N GLY A 13 1.06 17.98 -1.02
CA GLY A 13 1.39 19.17 -1.82
C GLY A 13 2.59 18.93 -2.72
N LEU A 14 3.47 18.01 -2.29
CA LEU A 14 4.62 17.53 -3.06
C LEU A 14 4.38 16.05 -3.43
N VAL A 15 5.20 15.51 -4.33
CA VAL A 15 5.18 14.07 -4.69
C VAL A 15 6.33 13.33 -3.96
N PRO A 16 6.06 12.66 -2.79
CA PRO A 16 7.10 11.97 -2.00
C PRO A 16 7.54 10.65 -2.68
N ARG A 17 8.63 10.74 -3.48
CA ARG A 17 9.14 9.59 -4.24
C ARG A 17 9.66 8.50 -3.29
N GLY A 18 9.08 7.30 -3.41
CA GLY A 18 9.43 6.15 -2.57
C GLY A 18 8.65 6.12 -1.27
N SER A 19 8.83 7.18 -0.47
CA SER A 19 8.21 7.33 0.86
C SER A 19 6.69 7.51 0.75
N HIS A 20 5.96 6.38 0.82
CA HIS A 20 4.49 6.33 0.65
C HIS A 20 3.84 5.53 1.79
N MET A 21 2.56 5.85 2.07
CA MET A 21 1.77 5.23 3.15
C MET A 21 0.93 4.06 2.63
N LYS A 22 1.12 2.87 3.26
CA LYS A 22 0.45 1.59 2.93
C LYS A 22 0.82 1.08 1.53
N THR A 23 0.45 -0.19 1.25
CA THR A 23 0.80 -0.86 0.00
C THR A 23 -0.29 -1.88 -0.36
N VAL A 24 -0.71 -1.91 -1.63
CA VAL A 24 -1.67 -2.88 -2.16
C VAL A 24 -0.93 -3.90 -3.03
N GLU A 25 -1.00 -5.19 -2.66
CA GLU A 25 -0.36 -6.26 -3.44
C GLU A 25 -1.44 -7.06 -4.16
N VAL A 26 -1.42 -6.99 -5.50
CA VAL A 26 -2.29 -7.79 -6.37
C VAL A 26 -1.46 -8.32 -7.56
N ASN A 27 -1.65 -9.63 -7.86
CA ASN A 27 -0.86 -10.39 -8.86
C ASN A 27 0.63 -10.42 -8.47
N GLY A 28 0.91 -10.34 -7.16
CA GLY A 28 2.28 -10.33 -6.63
C GLY A 28 2.89 -8.93 -6.58
N VAL A 29 2.32 -8.01 -7.38
CA VAL A 29 2.86 -6.67 -7.58
C VAL A 29 2.36 -5.72 -6.48
N LYS A 30 3.32 -5.08 -5.79
CA LYS A 30 3.04 -4.13 -4.70
C LYS A 30 3.02 -2.68 -5.20
N TYR A 31 1.94 -1.95 -4.82
CA TYR A 31 1.69 -0.55 -5.21
C TYR A 31 1.60 0.29 -3.93
N ASP A 32 2.60 1.13 -3.67
CA ASP A 32 2.63 2.00 -2.46
C ASP A 32 2.03 3.39 -2.79
N PHE A 33 1.04 3.82 -2.00
CA PHE A 33 0.20 5.03 -2.28
C PHE A 33 0.60 6.22 -1.41
N ASP A 34 0.43 7.43 -1.96
CA ASP A 34 0.68 8.70 -1.25
C ASP A 34 -0.34 8.83 -0.10
N ASN A 35 -1.63 8.73 -0.48
CA ASN A 35 -2.75 8.67 0.48
C ASN A 35 -3.07 7.21 0.80
N PRO A 36 -3.07 6.82 2.14
CA PRO A 36 -3.43 5.44 2.58
C PRO A 36 -4.92 5.12 2.28
N GLU A 37 -5.67 6.18 1.96
CA GLU A 37 -7.11 6.12 1.66
C GLU A 37 -7.29 5.49 0.28
N GLN A 38 -6.52 6.03 -0.68
CA GLN A 38 -6.54 5.62 -2.08
C GLN A 38 -6.02 4.18 -2.25
N ALA A 39 -5.13 3.76 -1.32
CA ALA A 39 -4.67 2.37 -1.23
C ALA A 39 -5.85 1.42 -0.98
N ARG A 40 -6.62 1.75 0.06
CA ARG A 40 -7.78 0.96 0.49
C ARG A 40 -8.87 0.91 -0.61
N GLU A 41 -9.21 2.10 -1.14
CA GLU A 41 -10.25 2.27 -2.18
C GLU A 41 -9.91 1.50 -3.46
N MET A 42 -8.63 1.61 -3.90
CA MET A 42 -8.10 0.90 -5.08
C MET A 42 -8.22 -0.62 -4.90
N ALA A 43 -7.80 -1.08 -3.71
CA ALA A 43 -7.79 -2.50 -3.32
C ALA A 43 -9.17 -3.13 -3.44
N GLU A 44 -10.18 -2.45 -2.89
CA GLU A 44 -11.57 -2.93 -2.86
C GLU A 44 -12.15 -3.07 -4.28
N ARG A 45 -11.84 -2.09 -5.15
CA ARG A 45 -12.34 -2.07 -6.55
C ARG A 45 -11.74 -3.23 -7.36
N ILE A 46 -10.43 -3.49 -7.16
CA ILE A 46 -9.71 -4.57 -7.85
C ILE A 46 -10.16 -5.97 -7.31
N ALA A 47 -10.44 -6.03 -6.00
CA ALA A 47 -10.82 -7.28 -5.30
C ALA A 47 -12.11 -7.86 -5.88
N LYS A 48 -13.17 -7.05 -5.88
CA LYS A 48 -14.49 -7.45 -6.44
C LYS A 48 -14.42 -7.66 -7.97
N SER A 49 -13.45 -7.00 -8.62
CA SER A 49 -13.21 -7.15 -10.08
C SER A 49 -12.58 -8.52 -10.40
N LEU A 50 -11.78 -9.05 -9.45
CA LEU A 50 -11.15 -10.39 -9.56
C LEU A 50 -11.92 -11.44 -8.75
N GLY A 51 -12.98 -11.01 -8.02
CA GLY A 51 -13.78 -11.89 -7.17
C GLY A 51 -13.08 -12.34 -5.89
N LEU A 52 -11.94 -11.69 -5.56
CA LEU A 52 -11.15 -11.96 -4.34
C LEU A 52 -11.56 -11.03 -3.19
N GLN A 53 -10.75 -11.02 -2.10
CA GLN A 53 -10.96 -10.14 -0.93
C GLN A 53 -9.67 -9.36 -0.64
N VAL A 54 -9.80 -8.23 0.07
CA VAL A 54 -8.65 -7.42 0.51
C VAL A 54 -8.29 -7.80 1.95
N ARG A 55 -7.24 -8.63 2.08
CA ARG A 55 -6.66 -9.01 3.37
C ARG A 55 -5.48 -8.08 3.66
N LEU A 56 -5.72 -7.02 4.48
CA LEU A 56 -4.65 -6.12 4.90
C LEU A 56 -3.79 -6.80 5.98
N GLU A 57 -2.74 -7.45 5.51
CA GLU A 57 -1.76 -8.15 6.33
C GLU A 57 -0.83 -7.09 6.94
N GLY A 58 -1.17 -6.66 8.17
CA GLY A 58 -0.51 -5.52 8.78
C GLY A 58 -0.93 -4.22 8.09
N ASP A 59 -0.06 -3.70 7.21
CA ASP A 59 -0.31 -2.45 6.44
C ASP A 59 -0.43 -2.73 4.93
N THR A 60 -0.04 -3.95 4.51
CA THR A 60 -0.12 -4.37 3.09
C THR A 60 -1.50 -4.98 2.78
N PHE A 61 -2.34 -4.18 2.09
CA PHE A 61 -3.65 -4.59 1.55
C PHE A 61 -3.45 -5.63 0.41
N LYS A 62 -3.21 -6.89 0.80
CA LYS A 62 -2.97 -8.00 -0.14
C LYS A 62 -4.30 -8.63 -0.59
N ILE A 63 -4.60 -8.46 -1.89
CA ILE A 63 -5.82 -8.98 -2.52
C ILE A 63 -5.66 -10.48 -2.83
N GLU A 64 -6.07 -11.30 -1.87
CA GLU A 64 -5.89 -12.76 -1.91
C GLU A 64 -7.23 -13.46 -2.17
N MET A 1 17.12 -19.95 16.03
CA MET A 1 17.40 -18.67 15.34
C MET A 1 16.12 -17.82 15.33
N GLY A 2 15.77 -17.31 16.53
CA GLY A 2 14.53 -16.55 16.74
C GLY A 2 14.68 -15.06 16.52
N SER A 3 15.93 -14.62 16.22
CA SER A 3 16.23 -13.21 15.91
C SER A 3 15.45 -12.78 14.64
N SER A 4 14.65 -11.72 14.79
CA SER A 4 13.79 -11.17 13.72
C SER A 4 13.27 -9.79 14.15
N HIS A 5 12.85 -8.96 13.18
CA HIS A 5 12.20 -7.67 13.48
C HIS A 5 10.70 -7.95 13.74
N HIS A 6 10.17 -7.31 14.78
CA HIS A 6 8.74 -7.37 15.13
C HIS A 6 8.17 -5.95 15.14
N HIS A 7 6.84 -5.86 15.08
CA HIS A 7 6.11 -4.59 15.13
C HIS A 7 6.16 -4.01 16.56
N HIS A 8 6.17 -2.67 16.65
CA HIS A 8 6.35 -1.95 17.93
C HIS A 8 5.14 -2.17 18.86
N HIS A 9 5.39 -2.86 19.98
CA HIS A 9 4.39 -3.13 21.03
C HIS A 9 4.21 -1.88 21.91
N HIS A 10 2.95 -1.62 22.33
CA HIS A 10 2.55 -0.41 23.12
C HIS A 10 2.59 0.87 22.21
N SER A 11 2.44 0.65 20.89
CA SER A 11 2.35 1.75 19.91
C SER A 11 0.94 2.36 19.92
N SER A 12 0.73 3.33 20.84
CA SER A 12 -0.52 4.11 20.97
C SER A 12 -0.16 5.52 21.49
N GLY A 13 -0.71 6.54 20.82
CA GLY A 13 -0.32 7.94 21.07
C GLY A 13 0.74 8.42 20.09
N LEU A 14 1.39 7.47 19.41
CA LEU A 14 2.41 7.73 18.38
C LEU A 14 1.78 7.66 16.99
N VAL A 15 2.30 8.50 16.06
CA VAL A 15 1.90 8.48 14.65
C VAL A 15 2.64 7.34 13.90
N PRO A 16 1.95 6.56 13.01
CA PRO A 16 2.58 5.46 12.23
C PRO A 16 3.51 6.01 11.13
N ARG A 17 4.77 6.31 11.54
CA ARG A 17 5.82 6.81 10.63
C ARG A 17 6.07 5.84 9.46
N GLY A 18 5.59 6.23 8.28
CA GLY A 18 5.57 5.39 7.09
C GLY A 18 4.23 5.49 6.39
N SER A 19 3.85 6.72 6.04
CA SER A 19 2.63 7.01 5.27
C SER A 19 2.84 6.62 3.81
N HIS A 20 3.96 7.06 3.21
CA HIS A 20 4.37 6.59 1.86
C HIS A 20 5.00 5.17 1.99
N MET A 21 4.11 4.18 2.10
CA MET A 21 4.43 2.78 2.44
C MET A 21 3.18 1.89 2.33
N LYS A 22 1.99 2.51 2.31
CA LYS A 22 0.69 1.80 2.31
C LYS A 22 0.50 1.06 0.98
N THR A 23 0.95 -0.19 0.97
CA THR A 23 1.06 -1.00 -0.23
C THR A 23 -0.23 -1.79 -0.50
N VAL A 24 -0.69 -1.77 -1.75
CA VAL A 24 -1.78 -2.65 -2.24
C VAL A 24 -1.16 -3.74 -3.13
N GLU A 25 -1.06 -4.96 -2.60
CA GLU A 25 -0.50 -6.10 -3.34
C GLU A 25 -1.64 -6.90 -3.98
N VAL A 26 -1.58 -7.04 -5.30
CA VAL A 26 -2.49 -7.90 -6.06
C VAL A 26 -1.73 -8.55 -7.23
N ASN A 27 -2.02 -9.86 -7.46
CA ASN A 27 -1.38 -10.67 -8.52
C ASN A 27 0.14 -10.79 -8.25
N GLY A 28 0.51 -10.67 -6.94
CA GLY A 28 1.90 -10.71 -6.48
C GLY A 28 2.59 -9.35 -6.53
N VAL A 29 1.98 -8.39 -7.25
CA VAL A 29 2.57 -7.08 -7.54
C VAL A 29 2.15 -6.05 -6.47
N LYS A 30 3.16 -5.43 -5.83
CA LYS A 30 2.98 -4.46 -4.74
C LYS A 30 2.97 -3.01 -5.28
N TYR A 31 1.81 -2.35 -5.16
CA TYR A 31 1.59 -0.96 -5.59
C TYR A 31 1.71 -0.01 -4.38
N ASP A 32 2.63 0.97 -4.44
CA ASP A 32 2.91 1.89 -3.30
C ASP A 32 1.92 3.07 -3.27
N PHE A 33 1.35 3.35 -2.08
CA PHE A 33 0.51 4.55 -1.84
C PHE A 33 1.08 5.37 -0.68
N ASP A 34 0.80 6.68 -0.73
CA ASP A 34 1.14 7.65 0.34
C ASP A 34 -0.07 7.87 1.26
N ASN A 35 -1.27 7.65 0.70
CA ASN A 35 -2.53 7.70 1.45
C ASN A 35 -3.09 6.28 1.61
N PRO A 36 -3.42 5.83 2.88
CA PRO A 36 -4.01 4.49 3.14
C PRO A 36 -5.48 4.41 2.68
N GLU A 37 -6.05 5.59 2.43
CA GLU A 37 -7.46 5.79 2.11
C GLU A 37 -7.72 5.52 0.63
N GLN A 38 -6.84 6.08 -0.23
CA GLN A 38 -6.87 5.85 -1.69
C GLN A 38 -6.40 4.42 -1.99
N ALA A 39 -5.49 3.91 -1.13
CA ALA A 39 -5.02 2.52 -1.14
C ALA A 39 -6.22 1.56 -0.98
N ARG A 40 -7.05 1.85 0.04
CA ARG A 40 -8.26 1.07 0.34
C ARG A 40 -9.25 1.07 -0.83
N GLU A 41 -9.48 2.27 -1.41
CA GLU A 41 -10.46 2.46 -2.49
C GLU A 41 -10.09 1.62 -3.73
N MET A 42 -8.83 1.76 -4.21
CA MET A 42 -8.34 0.99 -5.37
C MET A 42 -8.37 -0.53 -5.07
N ALA A 43 -7.97 -0.88 -3.83
CA ALA A 43 -7.90 -2.26 -3.36
C ALA A 43 -9.25 -2.97 -3.50
N GLU A 44 -10.31 -2.35 -2.96
CA GLU A 44 -11.67 -2.93 -2.96
C GLU A 44 -12.21 -3.12 -4.38
N ARG A 45 -11.93 -2.14 -5.25
CA ARG A 45 -12.38 -2.16 -6.66
C ARG A 45 -11.77 -3.34 -7.42
N ILE A 46 -10.45 -3.50 -7.26
CA ILE A 46 -9.68 -4.61 -7.87
C ILE A 46 -10.18 -5.99 -7.34
N ALA A 47 -10.48 -6.04 -6.04
CA ALA A 47 -10.89 -7.27 -5.34
C ALA A 47 -12.18 -7.86 -5.94
N LYS A 48 -13.25 -7.04 -5.98
CA LYS A 48 -14.56 -7.45 -6.50
C LYS A 48 -14.52 -7.65 -8.03
N SER A 49 -13.55 -7.02 -8.69
CA SER A 49 -13.36 -7.17 -10.15
C SER A 49 -12.75 -8.54 -10.49
N LEU A 50 -11.75 -8.98 -9.68
CA LEU A 50 -11.00 -10.24 -9.91
C LEU A 50 -11.59 -11.43 -9.12
N GLY A 51 -12.58 -11.15 -8.25
CA GLY A 51 -13.20 -12.19 -7.42
C GLY A 51 -12.41 -12.49 -6.13
N LEU A 52 -11.35 -11.70 -5.89
CA LEU A 52 -10.49 -11.82 -4.68
C LEU A 52 -11.06 -10.96 -3.52
N GLN A 53 -10.32 -10.90 -2.40
CA GLN A 53 -10.68 -10.05 -1.24
C GLN A 53 -9.44 -9.35 -0.71
N VAL A 54 -9.62 -8.12 -0.19
CA VAL A 54 -8.52 -7.30 0.37
C VAL A 54 -8.21 -7.74 1.80
N ARG A 55 -7.03 -8.34 1.98
CA ARG A 55 -6.56 -8.79 3.28
C ARG A 55 -5.45 -7.83 3.73
N LEU A 56 -5.86 -6.78 4.46
CA LEU A 56 -4.95 -5.78 5.05
C LEU A 56 -4.07 -6.48 6.10
N GLU A 57 -2.78 -6.54 5.82
CA GLU A 57 -1.75 -7.13 6.69
C GLU A 57 -0.76 -6.02 7.08
N GLY A 58 -1.06 -5.29 8.17
CA GLY A 58 -0.21 -4.17 8.60
C GLY A 58 -0.38 -2.95 7.70
N ASP A 59 0.55 -2.80 6.74
CA ASP A 59 0.53 -1.72 5.72
C ASP A 59 0.14 -2.28 4.34
N THR A 60 0.28 -3.62 4.16
CA THR A 60 0.09 -4.28 2.85
C THR A 60 -1.35 -4.83 2.68
N PHE A 61 -2.19 -4.04 1.98
CA PHE A 61 -3.51 -4.46 1.48
C PHE A 61 -3.35 -5.60 0.43
N LYS A 62 -3.18 -6.83 0.93
CA LYS A 62 -2.95 -8.02 0.08
C LYS A 62 -4.28 -8.58 -0.46
N ILE A 63 -4.65 -8.12 -1.67
CA ILE A 63 -5.82 -8.62 -2.40
C ILE A 63 -5.59 -10.07 -2.86
N GLU A 64 -5.95 -11.03 -1.99
CA GLU A 64 -5.77 -12.47 -2.21
C GLU A 64 -7.04 -13.20 -1.68
N MET A 1 -6.35 16.01 9.80
CA MET A 1 -7.67 16.10 9.15
C MET A 1 -7.64 17.21 8.08
N GLY A 2 -7.74 18.49 8.52
CA GLY A 2 -7.59 19.65 7.61
C GLY A 2 -6.23 20.31 7.80
N SER A 3 -5.20 19.47 8.00
CA SER A 3 -3.83 19.89 8.25
C SER A 3 -3.21 20.58 7.01
N SER A 4 -3.21 21.92 7.03
CA SER A 4 -2.70 22.77 5.92
C SER A 4 -1.19 23.01 6.04
N HIS A 5 -0.64 22.78 7.25
CA HIS A 5 0.79 22.97 7.56
C HIS A 5 1.65 21.96 6.76
N HIS A 6 2.80 22.42 6.26
CA HIS A 6 3.76 21.58 5.52
C HIS A 6 5.18 21.94 5.99
N HIS A 7 5.70 21.15 6.94
CA HIS A 7 7.05 21.33 7.50
C HIS A 7 8.10 20.88 6.48
N HIS A 8 9.18 21.66 6.36
CA HIS A 8 10.30 21.35 5.46
C HIS A 8 11.61 21.39 6.26
N HIS A 9 12.51 20.45 5.94
CA HIS A 9 13.82 20.31 6.60
C HIS A 9 14.71 19.44 5.69
N HIS A 10 15.89 19.99 5.30
CA HIS A 10 16.86 19.26 4.47
C HIS A 10 17.59 18.21 5.33
N SER A 11 16.95 17.03 5.42
CA SER A 11 17.46 15.87 6.16
C SER A 11 17.87 14.76 5.17
N SER A 12 18.52 13.71 5.70
CA SER A 12 18.80 12.47 4.97
C SER A 12 17.81 11.38 5.41
N GLY A 13 17.57 10.41 4.53
CA GLY A 13 16.61 9.33 4.79
C GLY A 13 15.24 9.57 4.16
N LEU A 14 15.04 10.75 3.54
CA LEU A 14 13.78 11.08 2.81
C LEU A 14 13.78 10.50 1.38
N VAL A 15 14.77 9.62 1.09
CA VAL A 15 14.80 8.81 -0.13
C VAL A 15 13.61 7.81 -0.17
N PRO A 16 13.06 7.47 -1.39
CA PRO A 16 12.02 6.43 -1.55
C PRO A 16 12.48 5.05 -1.00
N ARG A 17 12.03 4.72 0.22
CA ARG A 17 12.35 3.46 0.92
C ARG A 17 11.03 2.82 1.40
N GLY A 18 10.20 2.40 0.42
CA GLY A 18 8.88 1.84 0.69
C GLY A 18 8.91 0.35 1.01
N SER A 19 9.58 0.00 2.13
CA SER A 19 9.68 -1.38 2.63
C SER A 19 8.32 -1.83 3.19
N HIS A 20 7.82 -1.07 4.19
CA HIS A 20 6.49 -1.28 4.81
C HIS A 20 5.88 0.10 5.09
N MET A 21 4.78 0.44 4.37
CA MET A 21 4.16 1.78 4.41
C MET A 21 2.61 1.65 4.52
N LYS A 22 1.95 1.33 3.38
CA LYS A 22 0.47 1.22 3.25
C LYS A 22 0.15 0.65 1.85
N THR A 23 1.08 -0.22 1.40
CA THR A 23 1.14 -0.72 0.03
C THR A 23 -0.08 -1.59 -0.34
N VAL A 24 -0.55 -1.46 -1.61
CA VAL A 24 -1.64 -2.29 -2.15
C VAL A 24 -1.03 -3.35 -3.05
N GLU A 25 -0.98 -4.56 -2.53
CA GLU A 25 -0.31 -5.68 -3.17
C GLU A 25 -1.37 -6.63 -3.75
N VAL A 26 -1.62 -6.55 -5.06
CA VAL A 26 -2.59 -7.42 -5.73
C VAL A 26 -1.85 -8.51 -6.53
N ASN A 27 -2.24 -9.78 -6.28
CA ASN A 27 -1.69 -10.98 -6.97
C ASN A 27 -0.16 -11.11 -6.71
N GLY A 28 0.30 -10.55 -5.57
CA GLY A 28 1.72 -10.60 -5.16
C GLY A 28 2.53 -9.41 -5.64
N VAL A 29 1.95 -8.59 -6.53
CA VAL A 29 2.58 -7.40 -7.10
C VAL A 29 2.25 -6.18 -6.23
N LYS A 30 3.28 -5.56 -5.65
CA LYS A 30 3.14 -4.39 -4.77
C LYS A 30 2.90 -3.09 -5.56
N TYR A 31 1.97 -2.26 -5.08
CA TYR A 31 1.70 -0.91 -5.61
C TYR A 31 1.62 0.06 -4.44
N ASP A 32 2.69 0.80 -4.17
CA ASP A 32 2.70 1.77 -3.06
C ASP A 32 2.07 3.08 -3.53
N PHE A 33 1.11 3.58 -2.75
CA PHE A 33 0.28 4.75 -3.09
C PHE A 33 0.79 5.99 -2.33
N ASP A 34 0.04 7.10 -2.41
CA ASP A 34 0.32 8.32 -1.62
C ASP A 34 -0.47 8.27 -0.30
N ASN A 35 -1.80 8.18 -0.41
CA ASN A 35 -2.72 8.24 0.75
C ASN A 35 -3.31 6.84 1.03
N PRO A 36 -3.34 6.39 2.35
CA PRO A 36 -3.91 5.07 2.74
C PRO A 36 -5.43 4.97 2.47
N GLU A 37 -6.09 6.14 2.33
CA GLU A 37 -7.51 6.23 1.99
C GLU A 37 -7.73 5.74 0.55
N GLN A 38 -6.96 6.35 -0.37
CA GLN A 38 -6.97 6.02 -1.81
C GLN A 38 -6.53 4.56 -2.01
N ALA A 39 -5.56 4.13 -1.19
CA ALA A 39 -5.00 2.78 -1.20
C ALA A 39 -6.08 1.72 -0.88
N ARG A 40 -6.85 1.99 0.19
CA ARG A 40 -7.95 1.13 0.64
C ARG A 40 -9.09 1.07 -0.39
N GLU A 41 -9.39 2.23 -0.99
CA GLU A 41 -10.42 2.36 -2.04
C GLU A 41 -10.06 1.50 -3.27
N MET A 42 -8.86 1.75 -3.83
CA MET A 42 -8.35 1.02 -5.01
C MET A 42 -8.31 -0.48 -4.74
N ALA A 43 -7.95 -0.85 -3.50
CA ALA A 43 -7.87 -2.25 -3.05
C ALA A 43 -9.21 -2.97 -3.22
N GLU A 44 -10.26 -2.43 -2.59
CA GLU A 44 -11.60 -3.06 -2.55
C GLU A 44 -12.31 -2.99 -3.92
N ARG A 45 -11.91 -2.03 -4.74
CA ARG A 45 -12.42 -1.90 -6.12
C ARG A 45 -11.83 -3.01 -7.01
N ILE A 46 -10.51 -3.19 -6.94
CA ILE A 46 -9.78 -4.24 -7.70
C ILE A 46 -10.20 -5.65 -7.24
N ALA A 47 -10.44 -5.79 -5.92
CA ALA A 47 -10.78 -7.07 -5.28
C ALA A 47 -12.04 -7.69 -5.91
N LYS A 48 -13.13 -6.93 -5.93
CA LYS A 48 -14.43 -7.40 -6.47
C LYS A 48 -14.40 -7.49 -8.01
N SER A 49 -13.47 -6.75 -8.65
CA SER A 49 -13.26 -6.80 -10.13
C SER A 49 -12.63 -8.15 -10.55
N LEU A 50 -11.66 -8.62 -9.75
CA LEU A 50 -10.96 -9.91 -10.00
C LEU A 50 -11.69 -11.07 -9.29
N GLY A 51 -12.57 -10.75 -8.32
CA GLY A 51 -13.25 -11.76 -7.49
C GLY A 51 -12.42 -12.22 -6.30
N LEU A 52 -11.27 -11.54 -6.07
CA LEU A 52 -10.38 -11.80 -4.92
C LEU A 52 -10.83 -11.02 -3.67
N GLN A 53 -10.08 -11.13 -2.57
CA GLN A 53 -10.37 -10.36 -1.33
C GLN A 53 -9.12 -9.58 -0.89
N VAL A 54 -9.35 -8.38 -0.33
CA VAL A 54 -8.30 -7.56 0.26
C VAL A 54 -7.95 -8.10 1.66
N ARG A 55 -6.84 -8.85 1.72
CA ARG A 55 -6.29 -9.34 2.97
C ARG A 55 -5.32 -8.29 3.51
N LEU A 56 -5.85 -7.37 4.33
CA LEU A 56 -5.06 -6.32 4.97
C LEU A 56 -4.12 -6.99 5.99
N GLU A 57 -2.89 -7.20 5.56
CA GLU A 57 -1.83 -7.81 6.36
C GLU A 57 -0.82 -6.73 6.77
N GLY A 58 -1.07 -6.11 7.93
CA GLY A 58 -0.23 -5.03 8.42
C GLY A 58 -0.46 -3.76 7.61
N ASP A 59 0.45 -3.46 6.68
CA ASP A 59 0.34 -2.31 5.76
C ASP A 59 -0.12 -2.77 4.36
N THR A 60 0.17 -4.06 4.02
CA THR A 60 -0.02 -4.59 2.67
C THR A 60 -1.46 -5.09 2.47
N PHE A 61 -2.24 -4.32 1.69
CA PHE A 61 -3.55 -4.72 1.18
C PHE A 61 -3.37 -5.86 0.14
N LYS A 62 -3.13 -7.09 0.67
CA LYS A 62 -2.84 -8.27 -0.17
C LYS A 62 -4.13 -8.82 -0.80
N ILE A 63 -4.47 -8.31 -2.00
CA ILE A 63 -5.65 -8.74 -2.76
C ILE A 63 -5.40 -10.13 -3.37
N GLU A 64 -5.77 -11.15 -2.58
CA GLU A 64 -5.63 -12.57 -2.91
C GLU A 64 -6.87 -13.30 -2.35
N MET A 1 44.12 -11.95 -5.89
CA MET A 1 43.23 -11.91 -7.08
C MET A 1 41.85 -12.47 -6.72
N GLY A 2 40.81 -11.88 -7.33
CA GLY A 2 39.43 -12.28 -7.10
C GLY A 2 38.93 -11.88 -5.72
N SER A 3 39.09 -12.82 -4.76
CA SER A 3 38.72 -12.67 -3.34
C SER A 3 37.18 -12.53 -3.17
N SER A 4 36.65 -11.32 -3.42
CA SER A 4 35.21 -11.01 -3.27
C SER A 4 34.50 -10.87 -4.63
N HIS A 5 35.27 -10.98 -5.74
CA HIS A 5 34.74 -10.81 -7.11
C HIS A 5 33.81 -11.99 -7.49
N HIS A 6 32.67 -11.65 -8.13
CA HIS A 6 31.66 -12.62 -8.61
C HIS A 6 31.08 -13.44 -7.42
N HIS A 7 30.62 -12.72 -6.39
CA HIS A 7 30.03 -13.30 -5.18
C HIS A 7 28.83 -12.43 -4.75
N HIS A 8 27.60 -12.94 -5.00
CA HIS A 8 26.34 -12.21 -4.70
C HIS A 8 25.25 -13.17 -4.17
N HIS A 9 24.54 -12.73 -3.12
CA HIS A 9 23.35 -13.43 -2.56
C HIS A 9 22.38 -12.39 -1.97
N HIS A 10 21.07 -12.62 -2.15
CA HIS A 10 19.99 -11.71 -1.67
C HIS A 10 18.74 -12.51 -1.26
N SER A 11 18.04 -12.01 -0.24
CA SER A 11 16.80 -12.61 0.30
C SER A 11 15.61 -11.72 -0.07
N SER A 12 14.38 -12.27 0.03
CA SER A 12 13.15 -11.55 -0.35
C SER A 12 11.91 -12.25 0.27
N GLY A 13 10.69 -11.84 -0.15
CA GLY A 13 9.44 -12.40 0.37
C GLY A 13 8.89 -11.62 1.56
N LEU A 14 9.72 -10.72 2.12
CA LEU A 14 9.39 -9.92 3.31
C LEU A 14 8.55 -8.69 2.93
N VAL A 15 7.65 -8.27 3.84
CA VAL A 15 6.83 -7.04 3.67
C VAL A 15 7.70 -5.78 3.86
N PRO A 16 7.45 -4.67 3.08
CA PRO A 16 8.22 -3.42 3.22
C PRO A 16 7.99 -2.75 4.61
N ARG A 17 8.86 -3.10 5.57
CA ARG A 17 8.94 -2.46 6.89
C ARG A 17 10.26 -1.72 7.01
N GLY A 18 10.25 -0.46 6.56
CA GLY A 18 11.42 0.42 6.62
C GLY A 18 11.06 1.85 6.23
N SER A 19 9.92 2.32 6.80
CA SER A 19 9.40 3.69 6.63
C SER A 19 8.96 3.98 5.17
N HIS A 20 7.64 3.87 4.93
CA HIS A 20 6.98 4.29 3.68
C HIS A 20 5.52 4.67 3.97
N MET A 21 4.77 5.10 2.94
CA MET A 21 3.35 5.50 3.08
C MET A 21 2.44 4.28 3.26
N LYS A 22 2.03 3.63 2.15
CA LYS A 22 1.17 2.42 2.16
C LYS A 22 1.50 1.54 0.95
N THR A 23 1.04 0.27 0.98
CA THR A 23 1.20 -0.67 -0.15
C THR A 23 -0.02 -1.59 -0.27
N VAL A 24 -0.50 -1.76 -1.52
CA VAL A 24 -1.57 -2.71 -1.88
C VAL A 24 -0.97 -3.75 -2.84
N GLU A 25 -0.83 -4.99 -2.36
CA GLU A 25 -0.28 -6.10 -3.17
C GLU A 25 -1.45 -6.91 -3.78
N VAL A 26 -1.44 -7.04 -5.10
CA VAL A 26 -2.41 -7.86 -5.85
C VAL A 26 -1.68 -8.63 -6.95
N ASN A 27 -1.87 -9.97 -6.93
CA ASN A 27 -1.22 -10.94 -7.85
C ASN A 27 0.32 -10.85 -7.73
N GLY A 28 0.80 -10.43 -6.53
CA GLY A 28 2.22 -10.32 -6.21
C GLY A 28 2.79 -8.93 -6.50
N VAL A 29 2.06 -8.15 -7.32
CA VAL A 29 2.47 -6.80 -7.72
C VAL A 29 2.10 -5.81 -6.61
N LYS A 30 3.12 -5.23 -5.99
CA LYS A 30 2.98 -4.28 -4.89
C LYS A 30 2.92 -2.83 -5.40
N TYR A 31 1.79 -2.17 -5.10
CA TYR A 31 1.54 -0.78 -5.48
C TYR A 31 1.67 0.12 -4.24
N ASP A 32 2.82 0.80 -4.12
CA ASP A 32 3.04 1.73 -2.99
C ASP A 32 2.23 3.01 -3.25
N PHE A 33 1.25 3.29 -2.37
CA PHE A 33 0.27 4.38 -2.57
C PHE A 33 0.43 5.45 -1.49
N ASP A 34 -0.06 6.65 -1.81
CA ASP A 34 0.14 7.87 -1.00
C ASP A 34 -0.66 7.82 0.30
N ASN A 35 -1.99 7.78 0.18
CA ASN A 35 -2.90 7.78 1.34
C ASN A 35 -3.57 6.40 1.50
N PRO A 36 -3.87 5.97 2.78
CA PRO A 36 -4.49 4.65 3.07
C PRO A 36 -5.89 4.50 2.47
N GLU A 37 -6.59 5.64 2.27
CA GLU A 37 -7.97 5.67 1.76
C GLU A 37 -8.00 5.59 0.24
N GLN A 38 -7.04 6.25 -0.42
CA GLN A 38 -6.84 6.14 -1.88
C GLN A 38 -6.43 4.69 -2.23
N ALA A 39 -5.54 4.14 -1.39
CA ALA A 39 -5.08 2.75 -1.46
C ALA A 39 -6.23 1.77 -1.21
N ARG A 40 -7.11 2.13 -0.24
CA ARG A 40 -8.27 1.32 0.19
C ARG A 40 -9.27 1.17 -0.96
N GLU A 41 -9.69 2.31 -1.54
CA GLU A 41 -10.68 2.36 -2.62
C GLU A 41 -10.17 1.59 -3.84
N MET A 42 -8.91 1.89 -4.25
CA MET A 42 -8.23 1.20 -5.37
C MET A 42 -8.24 -0.33 -5.14
N ALA A 43 -7.93 -0.72 -3.90
CA ALA A 43 -7.88 -2.13 -3.47
C ALA A 43 -9.25 -2.80 -3.61
N GLU A 44 -10.30 -2.17 -3.09
CA GLU A 44 -11.68 -2.70 -3.11
C GLU A 44 -12.17 -2.92 -4.55
N ARG A 45 -11.82 -1.96 -5.43
CA ARG A 45 -12.19 -1.98 -6.86
C ARG A 45 -11.55 -3.18 -7.57
N ILE A 46 -10.22 -3.32 -7.39
CA ILE A 46 -9.42 -4.40 -8.01
C ILE A 46 -9.84 -5.79 -7.44
N ALA A 47 -10.18 -5.82 -6.13
CA ALA A 47 -10.57 -7.05 -5.43
C ALA A 47 -11.86 -7.63 -6.00
N LYS A 48 -12.92 -6.81 -6.00
CA LYS A 48 -14.26 -7.24 -6.47
C LYS A 48 -14.27 -7.50 -7.99
N SER A 49 -13.32 -6.85 -8.70
CA SER A 49 -13.11 -7.05 -10.15
C SER A 49 -12.63 -8.49 -10.44
N LEU A 50 -11.73 -8.97 -9.57
CA LEU A 50 -11.18 -10.34 -9.65
C LEU A 50 -12.03 -11.33 -8.81
N GLY A 51 -12.93 -10.78 -7.96
CA GLY A 51 -13.75 -11.58 -7.03
C GLY A 51 -13.00 -11.94 -5.73
N LEU A 52 -11.78 -11.39 -5.58
CA LEU A 52 -10.92 -11.61 -4.40
C LEU A 52 -11.28 -10.66 -3.24
N GLN A 53 -10.51 -10.77 -2.13
CA GLN A 53 -10.70 -9.94 -0.93
C GLN A 53 -9.43 -9.14 -0.64
N VAL A 54 -9.60 -7.92 -0.12
CA VAL A 54 -8.47 -7.10 0.36
C VAL A 54 -8.17 -7.50 1.81
N ARG A 55 -7.24 -8.45 1.97
CA ARG A 55 -6.81 -8.93 3.28
C ARG A 55 -5.50 -8.24 3.65
N LEU A 56 -5.62 -7.09 4.36
CA LEU A 56 -4.46 -6.35 4.85
C LEU A 56 -3.77 -7.15 5.97
N GLU A 57 -2.56 -7.65 5.65
CA GLU A 57 -1.72 -8.37 6.59
C GLU A 57 -0.72 -7.36 7.16
N GLY A 58 -1.20 -6.65 8.20
CA GLY A 58 -0.46 -5.55 8.80
C GLY A 58 -0.39 -4.32 7.92
N ASP A 59 0.77 -4.13 7.29
CA ASP A 59 1.05 -2.97 6.44
C ASP A 59 0.40 -3.11 5.05
N THR A 60 0.61 -4.28 4.45
CA THR A 60 0.30 -4.53 3.03
C THR A 60 -1.14 -5.04 2.85
N PHE A 61 -1.96 -4.26 2.11
CA PHE A 61 -3.31 -4.65 1.69
C PHE A 61 -3.21 -5.72 0.59
N LYS A 62 -3.11 -7.00 1.01
CA LYS A 62 -2.90 -8.13 0.10
C LYS A 62 -4.25 -8.63 -0.44
N ILE A 63 -4.59 -8.19 -1.66
CA ILE A 63 -5.78 -8.66 -2.38
C ILE A 63 -5.58 -10.13 -2.80
N GLU A 64 -5.98 -11.04 -1.90
CA GLU A 64 -5.84 -12.49 -2.08
C GLU A 64 -7.09 -13.17 -1.46
N MET A 1 -5.88 1.96 25.98
CA MET A 1 -6.60 3.21 26.37
C MET A 1 -5.59 4.30 26.74
N GLY A 2 -5.78 5.52 26.16
CA GLY A 2 -4.95 6.69 26.48
C GLY A 2 -3.52 6.58 25.97
N SER A 3 -3.36 6.06 24.74
CA SER A 3 -2.04 5.85 24.11
C SER A 3 -1.95 6.60 22.78
N SER A 4 -1.22 7.74 22.78
CA SER A 4 -0.97 8.56 21.59
C SER A 4 0.32 8.10 20.88
N HIS A 5 0.23 7.80 19.57
CA HIS A 5 1.42 7.42 18.76
C HIS A 5 2.37 8.63 18.59
N HIS A 6 1.85 9.85 18.79
CA HIS A 6 2.67 11.08 18.86
C HIS A 6 2.93 11.45 20.34
N HIS A 7 4.19 11.75 20.70
CA HIS A 7 4.61 12.19 22.06
C HIS A 7 5.33 13.55 21.97
N HIS A 8 5.60 14.15 23.16
CA HIS A 8 6.27 15.48 23.28
C HIS A 8 7.69 15.42 22.67
N HIS A 9 7.77 15.70 21.35
CA HIS A 9 9.04 15.71 20.57
C HIS A 9 8.97 16.84 19.52
N HIS A 10 9.97 17.74 19.55
CA HIS A 10 10.16 18.76 18.51
C HIS A 10 10.91 18.14 17.31
N SER A 11 10.19 17.94 16.20
CA SER A 11 10.74 17.31 15.00
C SER A 11 10.34 18.14 13.75
N SER A 12 10.52 17.56 12.54
CA SER A 12 10.09 18.17 11.26
C SER A 12 8.55 18.33 11.21
N GLY A 13 7.84 17.35 11.79
CA GLY A 13 6.38 17.33 11.81
C GLY A 13 5.78 16.52 10.66
N LEU A 14 6.53 16.43 9.55
CA LEU A 14 6.12 15.69 8.35
C LEU A 14 6.38 14.18 8.52
N VAL A 15 7.46 13.86 9.26
CA VAL A 15 7.93 12.47 9.52
C VAL A 15 8.20 11.69 8.20
N PRO A 16 9.43 11.83 7.59
CA PRO A 16 9.85 11.07 6.39
C PRO A 16 9.94 9.55 6.68
N ARG A 17 8.99 8.77 6.13
CA ARG A 17 8.92 7.31 6.32
C ARG A 17 9.48 6.58 5.07
N GLY A 18 10.69 5.99 5.23
CA GLY A 18 11.36 5.27 4.13
C GLY A 18 10.63 4.00 3.72
N SER A 19 10.08 3.28 4.72
CA SER A 19 9.24 2.10 4.50
C SER A 19 7.77 2.54 4.30
N HIS A 20 7.40 2.77 3.03
CA HIS A 20 6.06 3.25 2.66
C HIS A 20 5.02 2.11 2.75
N MET A 21 4.53 1.91 3.98
CA MET A 21 3.56 0.86 4.32
C MET A 21 2.12 1.36 4.05
N LYS A 22 1.84 1.60 2.77
CA LYS A 22 0.52 2.03 2.25
C LYS A 22 0.28 1.32 0.89
N THR A 23 0.92 0.16 0.76
CA THR A 23 1.06 -0.55 -0.51
C THR A 23 -0.11 -1.55 -0.73
N VAL A 24 -0.60 -1.62 -1.98
CA VAL A 24 -1.67 -2.56 -2.39
C VAL A 24 -1.04 -3.69 -3.23
N GLU A 25 -0.88 -4.87 -2.60
CA GLU A 25 -0.33 -6.04 -3.29
C GLU A 25 -1.47 -6.89 -3.84
N VAL A 26 -1.73 -6.78 -5.16
CA VAL A 26 -2.74 -7.61 -5.82
C VAL A 26 -2.06 -8.76 -6.59
N ASN A 27 -2.36 -10.00 -6.13
CA ASN A 27 -1.87 -11.26 -6.73
C ASN A 27 -0.32 -11.31 -6.75
N GLY A 28 0.31 -10.58 -5.81
CA GLY A 28 1.77 -10.61 -5.62
C GLY A 28 2.44 -9.32 -6.05
N VAL A 29 1.81 -8.63 -7.03
CA VAL A 29 2.35 -7.38 -7.60
C VAL A 29 1.97 -6.20 -6.69
N LYS A 30 2.99 -5.55 -6.12
CA LYS A 30 2.85 -4.45 -5.16
C LYS A 30 2.75 -3.07 -5.86
N TYR A 31 1.70 -2.30 -5.50
CA TYR A 31 1.46 -0.93 -5.98
C TYR A 31 1.38 0.01 -4.78
N ASP A 32 2.47 0.73 -4.49
CA ASP A 32 2.55 1.64 -3.35
C ASP A 32 1.66 2.89 -3.58
N PHE A 33 0.98 3.35 -2.52
CA PHE A 33 0.04 4.48 -2.58
C PHE A 33 0.47 5.58 -1.60
N ASP A 34 0.08 6.84 -1.91
CA ASP A 34 0.41 8.02 -1.09
C ASP A 34 -0.35 8.00 0.26
N ASN A 35 -1.57 7.44 0.24
CA ASN A 35 -2.50 7.44 1.39
C ASN A 35 -3.10 6.02 1.58
N PRO A 36 -3.31 5.56 2.87
CA PRO A 36 -3.88 4.22 3.17
C PRO A 36 -5.37 4.11 2.81
N GLU A 37 -6.09 5.24 2.91
CA GLU A 37 -7.54 5.30 2.65
C GLU A 37 -7.83 5.30 1.14
N GLN A 38 -6.94 5.95 0.38
CA GLN A 38 -6.96 5.94 -1.09
C GLN A 38 -6.45 4.58 -1.63
N ALA A 39 -5.55 3.96 -0.86
CA ALA A 39 -5.05 2.60 -1.12
C ALA A 39 -6.17 1.56 -0.95
N ARG A 40 -6.97 1.77 0.11
CA ARG A 40 -8.14 0.94 0.45
C ARG A 40 -9.22 1.06 -0.64
N GLU A 41 -9.43 2.30 -1.11
CA GLU A 41 -10.33 2.61 -2.23
C GLU A 41 -9.94 1.81 -3.48
N MET A 42 -8.70 2.01 -3.93
CA MET A 42 -8.11 1.33 -5.11
C MET A 42 -8.21 -0.20 -4.95
N ALA A 43 -7.95 -0.67 -3.72
CA ALA A 43 -7.92 -2.09 -3.36
C ALA A 43 -9.26 -2.78 -3.59
N GLU A 44 -10.33 -2.26 -2.96
CA GLU A 44 -11.68 -2.88 -3.00
C GLU A 44 -12.26 -2.91 -4.44
N ARG A 45 -11.87 -1.90 -5.24
CA ARG A 45 -12.26 -1.78 -6.65
C ARG A 45 -11.61 -2.89 -7.52
N ILE A 46 -10.33 -3.18 -7.23
CA ILE A 46 -9.56 -4.24 -7.92
C ILE A 46 -9.95 -5.65 -7.37
N ALA A 47 -10.37 -5.69 -6.09
CA ALA A 47 -10.74 -6.95 -5.40
C ALA A 47 -11.95 -7.61 -6.05
N LYS A 48 -13.02 -6.83 -6.28
CA LYS A 48 -14.25 -7.32 -6.94
C LYS A 48 -13.97 -7.69 -8.42
N SER A 49 -12.98 -7.00 -9.02
CA SER A 49 -12.62 -7.16 -10.45
C SER A 49 -11.99 -8.55 -10.73
N LEU A 50 -11.31 -9.13 -9.72
CA LEU A 50 -10.72 -10.48 -9.82
C LEU A 50 -11.52 -11.51 -8.98
N GLY A 51 -12.45 -11.02 -8.15
CA GLY A 51 -13.25 -11.87 -7.25
C GLY A 51 -12.49 -12.28 -5.99
N LEU A 52 -11.41 -11.54 -5.67
CA LEU A 52 -10.60 -11.77 -4.45
C LEU A 52 -11.08 -10.90 -3.27
N GLN A 53 -10.29 -10.88 -2.18
CA GLN A 53 -10.56 -10.04 -1.00
C GLN A 53 -9.30 -9.25 -0.64
N VAL A 54 -9.50 -8.01 -0.16
CA VAL A 54 -8.43 -7.15 0.34
C VAL A 54 -8.12 -7.55 1.78
N ARG A 55 -7.05 -8.31 1.96
CA ARG A 55 -6.57 -8.69 3.29
C ARG A 55 -5.43 -7.74 3.68
N LEU A 56 -5.79 -6.70 4.44
CA LEU A 56 -4.82 -5.76 5.02
C LEU A 56 -3.93 -6.50 6.03
N GLU A 57 -2.78 -6.96 5.52
CA GLU A 57 -1.78 -7.71 6.30
C GLU A 57 -0.68 -6.72 6.69
N GLY A 58 -0.60 -6.41 7.99
CA GLY A 58 0.20 -5.29 8.47
C GLY A 58 -0.38 -3.97 8.00
N ASP A 59 0.27 -3.35 7.00
CA ASP A 59 -0.22 -2.13 6.33
C ASP A 59 -0.24 -2.33 4.80
N THR A 60 0.07 -3.55 4.33
CA THR A 60 -0.01 -3.89 2.90
C THR A 60 -1.35 -4.57 2.57
N PHE A 61 -2.17 -3.86 1.76
CA PHE A 61 -3.48 -4.32 1.29
C PHE A 61 -3.30 -5.46 0.25
N LYS A 62 -3.17 -6.70 0.77
CA LYS A 62 -2.91 -7.89 -0.06
C LYS A 62 -4.23 -8.45 -0.64
N ILE A 63 -4.56 -8.03 -1.88
CA ILE A 63 -5.72 -8.55 -2.63
C ILE A 63 -5.37 -9.93 -3.20
N GLU A 64 -5.62 -10.97 -2.38
CA GLU A 64 -5.32 -12.37 -2.72
C GLU A 64 -6.40 -13.27 -2.09
N MET A 1 -7.30 30.63 26.61
CA MET A 1 -6.77 30.31 25.26
C MET A 1 -5.77 29.16 25.35
N GLY A 2 -5.71 28.34 24.28
CA GLY A 2 -4.83 27.17 24.25
C GLY A 2 -5.21 26.26 23.10
N SER A 3 -4.97 26.73 21.89
CA SER A 3 -5.24 26.00 20.64
C SER A 3 -3.92 25.63 19.94
N SER A 4 -2.87 25.38 20.73
CA SER A 4 -1.54 24.99 20.22
C SER A 4 -1.59 23.59 19.61
N HIS A 5 -1.72 23.53 18.27
CA HIS A 5 -1.76 22.27 17.51
C HIS A 5 -0.62 22.25 16.50
N HIS A 6 0.21 21.20 16.55
CA HIS A 6 1.39 21.04 15.70
C HIS A 6 1.63 19.55 15.44
N HIS A 7 1.67 19.17 14.16
CA HIS A 7 2.00 17.81 13.74
C HIS A 7 2.98 17.89 12.56
N HIS A 8 4.20 17.40 12.80
CA HIS A 8 5.29 17.38 11.82
C HIS A 8 6.31 16.30 12.22
N HIS A 9 5.82 15.04 12.22
CA HIS A 9 6.67 13.86 12.45
C HIS A 9 7.64 13.70 11.28
N HIS A 10 8.79 14.37 11.38
CA HIS A 10 9.82 14.35 10.35
C HIS A 10 10.61 13.03 10.44
N SER A 11 10.43 12.17 9.43
CA SER A 11 11.23 10.97 9.23
C SER A 11 12.73 11.35 9.15
N SER A 12 13.58 10.58 9.83
CA SER A 12 15.03 10.86 9.89
C SER A 12 15.66 10.86 8.48
N GLY A 13 15.46 9.75 7.74
CA GLY A 13 16.00 9.60 6.38
C GLY A 13 17.50 9.38 6.33
N LEU A 14 18.12 9.03 7.48
CA LEU A 14 19.55 8.68 7.56
C LEU A 14 19.73 7.25 6.98
N VAL A 15 18.91 6.31 7.47
CA VAL A 15 18.81 4.96 6.88
C VAL A 15 17.79 4.97 5.71
N PRO A 16 17.95 4.08 4.67
CA PRO A 16 17.01 3.99 3.52
C PRO A 16 15.71 3.23 3.86
N ARG A 17 15.04 3.64 4.95
CA ARG A 17 13.77 3.04 5.39
C ARG A 17 12.62 3.62 4.55
N GLY A 18 12.26 2.89 3.47
CA GLY A 18 11.16 3.25 2.57
C GLY A 18 9.89 2.43 2.85
N SER A 19 9.78 1.95 4.10
CA SER A 19 8.61 1.20 4.57
C SER A 19 7.43 2.17 4.76
N HIS A 20 6.33 1.95 4.01
CA HIS A 20 5.12 2.81 4.03
C HIS A 20 3.85 1.93 4.04
N MET A 21 3.04 2.05 5.13
CA MET A 21 1.80 1.27 5.30
C MET A 21 0.63 1.89 4.51
N LYS A 22 0.67 1.66 3.18
CA LYS A 22 -0.28 2.25 2.21
C LYS A 22 -0.16 1.53 0.85
N THR A 23 0.35 0.31 0.87
CA THR A 23 0.61 -0.48 -0.33
C THR A 23 -0.55 -1.43 -0.63
N VAL A 24 -0.98 -1.52 -1.89
CA VAL A 24 -1.96 -2.51 -2.36
C VAL A 24 -1.23 -3.62 -3.10
N GLU A 25 -1.25 -4.82 -2.53
CA GLU A 25 -0.57 -5.99 -3.08
C GLU A 25 -1.59 -6.99 -3.61
N VAL A 26 -1.80 -6.99 -4.93
CA VAL A 26 -2.76 -7.91 -5.58
C VAL A 26 -2.02 -8.85 -6.55
N ASN A 27 -2.34 -10.16 -6.43
CA ASN A 27 -1.70 -11.25 -7.22
C ASN A 27 -0.16 -11.24 -6.99
N GLY A 28 0.24 -10.76 -5.80
CA GLY A 28 1.63 -10.73 -5.35
C GLY A 28 2.34 -9.40 -5.67
N VAL A 29 1.74 -8.60 -6.58
CA VAL A 29 2.33 -7.35 -7.07
C VAL A 29 1.95 -6.17 -6.15
N LYS A 30 2.96 -5.51 -5.59
CA LYS A 30 2.80 -4.38 -4.67
C LYS A 30 2.65 -3.05 -5.46
N TYR A 31 1.75 -2.19 -4.97
CA TYR A 31 1.49 -0.84 -5.54
C TYR A 31 1.47 0.17 -4.37
N ASP A 32 2.56 0.92 -4.16
CA ASP A 32 2.65 1.87 -3.00
C ASP A 32 1.96 3.20 -3.33
N PHE A 33 1.09 3.66 -2.40
CA PHE A 33 0.27 4.90 -2.57
C PHE A 33 0.87 6.06 -1.76
N ASP A 34 0.17 7.21 -1.79
CA ASP A 34 0.49 8.37 -0.94
C ASP A 34 -0.27 8.25 0.39
N ASN A 35 -1.48 7.69 0.30
CA ASN A 35 -2.39 7.50 1.46
C ASN A 35 -2.99 6.08 1.44
N PRO A 36 -3.13 5.38 2.62
CA PRO A 36 -3.84 4.08 2.70
C PRO A 36 -5.37 4.22 2.58
N GLU A 37 -5.85 5.47 2.46
CA GLU A 37 -7.27 5.78 2.22
C GLU A 37 -7.54 5.62 0.72
N GLN A 38 -6.61 6.16 -0.09
CA GLN A 38 -6.58 5.98 -1.56
C GLN A 38 -6.41 4.49 -1.90
N ALA A 39 -5.53 3.84 -1.09
CA ALA A 39 -5.21 2.42 -1.21
C ALA A 39 -6.42 1.54 -0.85
N ARG A 40 -7.19 1.95 0.18
CA ARG A 40 -8.42 1.25 0.60
C ARG A 40 -9.43 1.17 -0.56
N GLU A 41 -9.67 2.33 -1.17
CA GLU A 41 -10.63 2.49 -2.29
C GLU A 41 -10.24 1.60 -3.48
N MET A 42 -8.96 1.75 -3.92
CA MET A 42 -8.42 1.03 -5.08
C MET A 42 -8.40 -0.50 -4.83
N ALA A 43 -8.11 -0.89 -3.57
CA ALA A 43 -8.06 -2.29 -3.16
C ALA A 43 -9.42 -2.98 -3.35
N GLU A 44 -10.48 -2.29 -2.93
CA GLU A 44 -11.86 -2.81 -3.02
C GLU A 44 -12.36 -2.84 -4.49
N ARG A 45 -11.87 -1.89 -5.29
CA ARG A 45 -12.16 -1.81 -6.74
C ARG A 45 -11.47 -2.95 -7.52
N ILE A 46 -10.25 -3.34 -7.08
CA ILE A 46 -9.51 -4.47 -7.68
C ILE A 46 -10.04 -5.82 -7.16
N ALA A 47 -10.58 -5.81 -5.91
CA ALA A 47 -11.14 -7.00 -5.25
C ALA A 47 -12.34 -7.55 -6.03
N LYS A 48 -13.28 -6.63 -6.34
CA LYS A 48 -14.50 -6.95 -7.11
C LYS A 48 -14.16 -7.29 -8.57
N SER A 49 -13.05 -6.73 -9.07
CA SER A 49 -12.59 -6.90 -10.46
C SER A 49 -12.09 -8.34 -10.71
N LEU A 50 -11.11 -8.77 -9.89
CA LEU A 50 -10.41 -10.06 -10.05
C LEU A 50 -11.07 -11.19 -9.23
N GLY A 51 -12.11 -10.83 -8.44
CA GLY A 51 -12.83 -11.80 -7.61
C GLY A 51 -12.06 -12.23 -6.36
N LEU A 52 -11.04 -11.45 -5.97
CA LEU A 52 -10.20 -11.69 -4.79
C LEU A 52 -10.69 -10.85 -3.59
N GLN A 53 -10.10 -11.09 -2.40
CA GLN A 53 -10.49 -10.40 -1.14
C GLN A 53 -9.32 -9.61 -0.54
N VAL A 54 -9.60 -8.36 -0.09
CA VAL A 54 -8.58 -7.46 0.49
C VAL A 54 -8.30 -7.86 1.96
N ARG A 55 -7.11 -8.44 2.18
CA ARG A 55 -6.58 -8.76 3.51
C ARG A 55 -5.44 -7.78 3.83
N LEU A 56 -5.73 -6.73 4.64
CA LEU A 56 -4.71 -5.80 5.13
C LEU A 56 -3.74 -6.53 6.08
N GLU A 57 -2.64 -7.00 5.50
CA GLU A 57 -1.56 -7.68 6.21
C GLU A 57 -0.45 -6.64 6.40
N GLY A 58 -0.34 -6.12 7.64
CA GLY A 58 0.61 -5.07 8.00
C GLY A 58 0.50 -3.81 7.14
N ASP A 59 1.45 -3.67 6.21
CA ASP A 59 1.59 -2.49 5.32
C ASP A 59 0.78 -2.66 4.03
N THR A 60 0.58 -3.93 3.64
CA THR A 60 0.05 -4.31 2.32
C THR A 60 -1.39 -4.80 2.41
N PHE A 61 -2.30 -4.09 1.71
CA PHE A 61 -3.65 -4.55 1.36
C PHE A 61 -3.53 -5.75 0.38
N LYS A 62 -3.23 -6.93 0.93
CA LYS A 62 -3.02 -8.16 0.14
C LYS A 62 -4.36 -8.69 -0.40
N ILE A 63 -4.71 -8.28 -1.63
CA ILE A 63 -5.93 -8.72 -2.31
C ILE A 63 -5.70 -10.14 -2.87
N GLU A 64 -5.97 -11.13 -2.01
CA GLU A 64 -5.75 -12.55 -2.28
C GLU A 64 -7.01 -13.32 -1.84
N MET A 1 -24.67 18.12 -25.48
CA MET A 1 -24.79 16.72 -25.03
C MET A 1 -23.46 16.25 -24.41
N GLY A 2 -22.41 16.20 -25.24
CA GLY A 2 -21.08 15.74 -24.82
C GLY A 2 -20.20 16.88 -24.34
N SER A 3 -20.60 17.51 -23.22
CA SER A 3 -19.82 18.56 -22.55
C SER A 3 -18.52 17.94 -21.99
N SER A 4 -17.37 18.30 -22.63
CA SER A 4 -16.05 17.71 -22.32
C SER A 4 -15.59 18.09 -20.89
N HIS A 5 -15.73 17.13 -19.97
CA HIS A 5 -15.36 17.31 -18.56
C HIS A 5 -13.87 16.94 -18.36
N HIS A 6 -13.05 17.95 -18.06
CA HIS A 6 -11.62 17.79 -17.74
C HIS A 6 -11.39 18.16 -16.27
N HIS A 7 -10.34 17.60 -15.66
CA HIS A 7 -9.97 17.90 -14.27
C HIS A 7 -9.56 19.38 -14.14
N HIS A 8 -10.34 20.14 -13.36
CA HIS A 8 -10.16 21.60 -13.18
C HIS A 8 -10.16 21.96 -11.68
N HIS A 9 -9.29 21.28 -10.91
CA HIS A 9 -9.10 21.55 -9.46
C HIS A 9 -7.71 21.05 -9.00
N HIS A 10 -6.72 21.96 -9.01
CA HIS A 10 -5.34 21.67 -8.56
C HIS A 10 -5.06 22.35 -7.19
N SER A 11 -6.14 22.73 -6.46
CA SER A 11 -6.03 23.31 -5.10
C SER A 11 -5.57 22.22 -4.09
N SER A 12 -4.25 22.04 -4.00
CA SER A 12 -3.60 21.04 -3.16
C SER A 12 -3.09 21.66 -1.84
N GLY A 13 -2.54 20.81 -0.95
CA GLY A 13 -1.99 21.26 0.34
C GLY A 13 -2.66 20.59 1.52
N LEU A 14 -3.92 20.13 1.32
CA LEU A 14 -4.70 19.41 2.36
C LEU A 14 -4.00 18.09 2.70
N VAL A 15 -3.54 17.44 1.62
CA VAL A 15 -2.69 16.25 1.67
C VAL A 15 -1.33 16.60 1.01
N PRO A 16 -0.30 16.98 1.83
CA PRO A 16 1.09 17.16 1.33
C PRO A 16 1.87 15.81 1.29
N ARG A 17 3.12 15.86 0.80
CA ARG A 17 4.01 14.68 0.83
C ARG A 17 4.54 14.49 2.27
N GLY A 18 3.73 13.81 3.07
CA GLY A 18 4.05 13.48 4.46
C GLY A 18 2.92 12.72 5.12
N SER A 19 2.17 11.98 4.31
CA SER A 19 1.00 11.20 4.74
C SER A 19 1.42 9.75 5.04
N HIS A 20 0.45 8.92 5.45
CA HIS A 20 0.70 7.52 5.81
C HIS A 20 0.69 6.65 4.54
N MET A 21 1.84 6.66 3.82
CA MET A 21 2.01 5.88 2.59
C MET A 21 1.93 4.37 2.89
N LYS A 22 0.88 3.73 2.34
CA LYS A 22 0.51 2.34 2.63
C LYS A 22 0.28 1.60 1.30
N THR A 23 0.90 0.42 1.17
CA THR A 23 0.92 -0.38 -0.07
C THR A 23 -0.39 -1.19 -0.28
N VAL A 24 -0.69 -1.50 -1.55
CA VAL A 24 -1.72 -2.49 -1.93
C VAL A 24 -1.03 -3.58 -2.76
N GLU A 25 -1.05 -4.83 -2.29
CA GLU A 25 -0.39 -5.93 -2.97
C GLU A 25 -1.45 -6.87 -3.58
N VAL A 26 -1.70 -6.72 -4.89
CA VAL A 26 -2.67 -7.57 -5.61
C VAL A 26 -1.93 -8.63 -6.46
N ASN A 27 -2.32 -9.91 -6.29
CA ASN A 27 -1.75 -11.06 -7.02
C ASN A 27 -0.23 -11.19 -6.71
N GLY A 28 0.17 -10.73 -5.51
CA GLY A 28 1.56 -10.81 -5.02
C GLY A 28 2.46 -9.72 -5.60
N VAL A 29 1.84 -8.69 -6.21
CA VAL A 29 2.54 -7.53 -6.80
C VAL A 29 2.19 -6.27 -5.99
N LYS A 30 3.21 -5.62 -5.42
CA LYS A 30 3.03 -4.42 -4.57
C LYS A 30 2.87 -3.13 -5.40
N TYR A 31 1.89 -2.30 -4.99
CA TYR A 31 1.59 -0.98 -5.58
C TYR A 31 1.47 0.03 -4.43
N ASP A 32 2.53 0.83 -4.21
CA ASP A 32 2.57 1.75 -3.06
C ASP A 32 1.70 3.00 -3.30
N PHE A 33 0.83 3.31 -2.33
CA PHE A 33 -0.04 4.50 -2.37
C PHE A 33 0.36 5.46 -1.25
N ASP A 34 0.33 6.75 -1.56
CA ASP A 34 0.76 7.83 -0.65
C ASP A 34 -0.20 8.01 0.56
N ASN A 35 -1.43 7.49 0.41
CA ASN A 35 -2.47 7.56 1.46
C ASN A 35 -3.14 6.18 1.64
N PRO A 36 -3.56 5.79 2.89
CA PRO A 36 -4.21 4.49 3.17
C PRO A 36 -5.68 4.45 2.72
N GLU A 37 -6.22 5.64 2.42
CA GLU A 37 -7.62 5.81 2.01
C GLU A 37 -7.73 5.49 0.52
N GLN A 38 -6.85 6.16 -0.26
CA GLN A 38 -6.74 5.97 -1.71
C GLN A 38 -6.31 4.52 -2.03
N ALA A 39 -5.45 3.98 -1.16
CA ALA A 39 -5.03 2.58 -1.18
C ALA A 39 -6.23 1.63 -1.04
N ARG A 40 -7.05 1.89 0.01
CA ARG A 40 -8.19 1.04 0.37
C ARG A 40 -9.28 1.04 -0.72
N GLU A 41 -9.47 2.21 -1.38
CA GLU A 41 -10.43 2.34 -2.50
C GLU A 41 -10.04 1.42 -3.65
N MET A 42 -8.85 1.68 -4.23
CA MET A 42 -8.32 0.95 -5.40
C MET A 42 -8.21 -0.56 -5.10
N ALA A 43 -7.95 -0.89 -3.82
CA ALA A 43 -7.89 -2.27 -3.34
C ALA A 43 -9.25 -2.97 -3.49
N GLU A 44 -10.29 -2.43 -2.85
CA GLU A 44 -11.64 -3.06 -2.82
C GLU A 44 -12.32 -3.04 -4.22
N ARG A 45 -11.95 -2.07 -5.06
CA ARG A 45 -12.48 -1.91 -6.43
C ARG A 45 -11.83 -2.92 -7.40
N ILE A 46 -10.54 -3.25 -7.16
CA ILE A 46 -9.83 -4.31 -7.92
C ILE A 46 -10.15 -5.71 -7.34
N ALA A 47 -10.56 -5.76 -6.06
CA ALA A 47 -10.98 -7.00 -5.39
C ALA A 47 -12.23 -7.59 -6.08
N LYS A 48 -13.27 -6.76 -6.20
CA LYS A 48 -14.53 -7.14 -6.87
C LYS A 48 -14.31 -7.38 -8.38
N SER A 49 -13.31 -6.69 -8.96
CA SER A 49 -12.97 -6.79 -10.38
C SER A 49 -12.39 -8.19 -10.72
N LEU A 50 -11.48 -8.67 -9.86
CA LEU A 50 -10.81 -9.98 -10.03
C LEU A 50 -11.52 -11.10 -9.26
N GLY A 51 -12.51 -10.73 -8.41
CA GLY A 51 -13.22 -11.69 -7.56
C GLY A 51 -12.45 -12.08 -6.30
N LEU A 52 -11.26 -11.45 -6.09
CA LEU A 52 -10.39 -11.71 -4.92
C LEU A 52 -10.86 -10.90 -3.68
N GLN A 53 -10.15 -11.06 -2.55
CA GLN A 53 -10.53 -10.42 -1.26
C GLN A 53 -9.35 -9.61 -0.70
N VAL A 54 -9.61 -8.36 -0.25
CA VAL A 54 -8.58 -7.51 0.35
C VAL A 54 -8.40 -7.84 1.85
N ARG A 55 -7.35 -8.59 2.15
CA ARG A 55 -6.87 -8.82 3.52
C ARG A 55 -5.54 -8.07 3.69
N LEU A 56 -5.55 -6.96 4.43
CA LEU A 56 -4.33 -6.15 4.66
C LEU A 56 -3.45 -6.81 5.74
N GLU A 57 -2.23 -7.21 5.31
CA GLU A 57 -1.17 -7.71 6.20
C GLU A 57 -0.14 -6.59 6.42
N GLY A 58 -0.08 -6.07 7.65
CA GLY A 58 0.82 -4.95 7.99
C GLY A 58 0.44 -3.68 7.24
N ASP A 59 1.20 -3.35 6.17
CA ASP A 59 0.93 -2.16 5.31
C ASP A 59 0.61 -2.55 3.86
N THR A 60 0.51 -3.85 3.57
CA THR A 60 0.13 -4.33 2.23
C THR A 60 -1.33 -4.82 2.24
N PHE A 61 -2.23 -4.07 1.56
CA PHE A 61 -3.60 -4.52 1.25
C PHE A 61 -3.51 -5.71 0.27
N LYS A 62 -3.26 -6.91 0.81
CA LYS A 62 -3.06 -8.12 0.01
C LYS A 62 -4.41 -8.61 -0.55
N ILE A 63 -4.66 -8.29 -1.84
CA ILE A 63 -5.85 -8.74 -2.56
C ILE A 63 -5.62 -10.19 -3.04
N GLU A 64 -5.99 -11.12 -2.16
CA GLU A 64 -5.82 -12.56 -2.36
C GLU A 64 -7.19 -13.25 -2.13
N MET A 1 4.76 38.02 20.08
CA MET A 1 5.56 37.75 18.86
C MET A 1 5.71 36.23 18.69
N GLY A 2 4.76 35.61 17.96
CA GLY A 2 4.66 34.14 17.86
C GLY A 2 5.74 33.51 16.98
N SER A 3 5.95 32.19 17.18
CA SER A 3 6.91 31.40 16.40
C SER A 3 6.49 31.31 14.91
N SER A 4 7.41 31.71 14.02
CA SER A 4 7.15 31.79 12.58
C SER A 4 8.24 31.04 11.79
N HIS A 5 9.54 31.28 12.11
CA HIS A 5 10.66 30.67 11.36
C HIS A 5 11.04 29.27 11.90
N HIS A 6 10.28 28.26 11.42
CA HIS A 6 10.53 26.81 11.64
C HIS A 6 9.69 26.01 10.65
N HIS A 7 10.22 24.85 10.20
CA HIS A 7 9.51 23.90 9.31
C HIS A 7 9.72 22.47 9.80
N HIS A 8 8.80 21.54 9.43
CA HIS A 8 8.91 20.11 9.80
C HIS A 8 9.71 19.32 8.75
N HIS A 9 10.98 19.73 8.55
CA HIS A 9 11.94 19.07 7.64
C HIS A 9 13.36 19.16 8.22
N HIS A 10 13.75 18.11 8.98
CA HIS A 10 15.09 17.93 9.55
C HIS A 10 15.20 16.50 10.11
N SER A 11 14.14 16.08 10.82
CA SER A 11 14.04 14.73 11.40
C SER A 11 13.67 13.68 10.33
N SER A 12 13.97 12.41 10.63
CA SER A 12 13.74 11.27 9.73
C SER A 12 12.22 10.97 9.57
N GLY A 13 11.87 10.34 8.43
CA GLY A 13 10.48 10.00 8.11
C GLY A 13 9.76 11.11 7.34
N LEU A 14 10.19 12.37 7.57
CA LEU A 14 9.74 13.54 6.80
C LEU A 14 10.35 13.50 5.39
N VAL A 15 11.38 12.64 5.22
CA VAL A 15 11.97 12.28 3.93
C VAL A 15 11.79 10.75 3.69
N PRO A 16 10.63 10.31 3.11
CA PRO A 16 10.39 8.88 2.77
C PRO A 16 11.06 8.49 1.43
N ARG A 17 11.37 7.18 1.29
CA ARG A 17 12.06 6.64 0.09
C ARG A 17 11.89 5.10 0.07
N GLY A 18 11.76 4.53 -1.14
CA GLY A 18 11.49 3.10 -1.32
C GLY A 18 10.00 2.79 -1.28
N SER A 19 9.38 3.14 -0.14
CA SER A 19 7.94 3.06 0.09
C SER A 19 7.41 4.43 0.49
N HIS A 20 6.15 4.73 0.13
CA HIS A 20 5.52 6.03 0.40
C HIS A 20 5.13 6.13 1.90
N MET A 21 4.17 5.26 2.30
CA MET A 21 3.63 5.21 3.69
C MET A 21 2.65 4.02 3.82
N LYS A 22 1.96 3.70 2.72
CA LYS A 22 0.99 2.58 2.64
C LYS A 22 1.23 1.79 1.35
N THR A 23 0.65 0.57 1.23
CA THR A 23 0.85 -0.30 0.05
C THR A 23 -0.43 -1.11 -0.26
N VAL A 24 -0.62 -1.44 -1.55
CA VAL A 24 -1.64 -2.40 -2.04
C VAL A 24 -0.92 -3.52 -2.80
N GLU A 25 -1.02 -4.78 -2.32
CA GLU A 25 -0.44 -5.93 -3.04
C GLU A 25 -1.55 -6.67 -3.80
N VAL A 26 -1.30 -6.94 -5.08
CA VAL A 26 -2.17 -7.78 -5.92
C VAL A 26 -1.32 -8.42 -7.04
N ASN A 27 -1.60 -9.73 -7.33
CA ASN A 27 -0.82 -10.57 -8.27
C ASN A 27 0.64 -10.73 -7.73
N GLY A 28 0.78 -10.60 -6.39
CA GLY A 28 2.10 -10.61 -5.72
C GLY A 28 2.80 -9.26 -5.75
N VAL A 29 2.37 -8.38 -6.68
CA VAL A 29 3.01 -7.09 -6.96
C VAL A 29 2.51 -6.04 -5.97
N LYS A 30 3.43 -5.47 -5.19
CA LYS A 30 3.14 -4.38 -4.25
C LYS A 30 3.20 -3.01 -4.95
N TYR A 31 2.21 -2.16 -4.62
CA TYR A 31 2.06 -0.80 -5.16
C TYR A 31 1.99 0.18 -3.98
N ASP A 32 3.11 0.87 -3.68
CA ASP A 32 3.16 1.84 -2.57
C ASP A 32 2.33 3.09 -2.93
N PHE A 33 1.30 3.37 -2.12
CA PHE A 33 0.27 4.38 -2.43
C PHE A 33 0.49 5.67 -1.62
N ASP A 34 -0.03 6.79 -2.18
CA ASP A 34 0.07 8.11 -1.56
C ASP A 34 -0.73 8.17 -0.25
N ASN A 35 -2.01 7.78 -0.33
CA ASN A 35 -2.97 7.88 0.79
C ASN A 35 -3.46 6.48 1.21
N PRO A 36 -3.65 6.20 2.54
CA PRO A 36 -4.15 4.89 3.04
C PRO A 36 -5.63 4.62 2.66
N GLU A 37 -6.43 5.70 2.55
CA GLU A 37 -7.86 5.62 2.16
C GLU A 37 -7.99 5.25 0.67
N GLN A 38 -7.18 5.93 -0.16
CA GLN A 38 -7.12 5.67 -1.61
C GLN A 38 -6.50 4.29 -1.91
N ALA A 39 -5.62 3.83 -1.00
CA ALA A 39 -5.03 2.48 -1.05
C ALA A 39 -6.11 1.42 -0.78
N ARG A 40 -6.96 1.71 0.22
CA ARG A 40 -8.14 0.86 0.54
C ARG A 40 -9.07 0.75 -0.68
N GLU A 41 -9.42 1.91 -1.24
CA GLU A 41 -10.39 2.03 -2.33
C GLU A 41 -9.90 1.33 -3.60
N MET A 42 -8.59 1.50 -3.94
CA MET A 42 -7.97 0.79 -5.09
C MET A 42 -8.09 -0.73 -4.89
N ALA A 43 -7.74 -1.17 -3.67
CA ALA A 43 -7.75 -2.57 -3.27
C ALA A 43 -9.14 -3.20 -3.45
N GLU A 44 -10.18 -2.49 -3.01
CA GLU A 44 -11.56 -2.98 -3.05
C GLU A 44 -12.13 -3.02 -4.49
N ARG A 45 -11.69 -2.07 -5.34
CA ARG A 45 -12.14 -1.97 -6.75
C ARG A 45 -11.50 -3.08 -7.60
N ILE A 46 -10.24 -3.43 -7.28
CA ILE A 46 -9.53 -4.55 -7.92
C ILE A 46 -10.05 -5.90 -7.37
N ALA A 47 -10.45 -5.89 -6.07
CA ALA A 47 -10.99 -7.09 -5.38
C ALA A 47 -12.28 -7.58 -6.05
N LYS A 48 -13.22 -6.65 -6.27
CA LYS A 48 -14.51 -6.95 -6.92
C LYS A 48 -14.30 -7.30 -8.41
N SER A 49 -13.25 -6.72 -9.03
CA SER A 49 -12.90 -6.92 -10.44
C SER A 49 -12.39 -8.37 -10.66
N LEU A 50 -11.66 -8.90 -9.66
CA LEU A 50 -11.10 -10.28 -9.70
C LEU A 50 -12.05 -11.28 -9.03
N GLY A 51 -12.97 -10.79 -8.18
CA GLY A 51 -13.84 -11.64 -7.36
C GLY A 51 -13.22 -11.98 -6.00
N LEU A 52 -11.97 -11.53 -5.77
CA LEU A 52 -11.23 -11.72 -4.51
C LEU A 52 -11.68 -10.71 -3.43
N GLN A 53 -11.01 -10.76 -2.26
CA GLN A 53 -11.27 -9.84 -1.13
C GLN A 53 -9.94 -9.36 -0.54
N VAL A 54 -9.95 -8.17 0.06
CA VAL A 54 -8.72 -7.51 0.53
C VAL A 54 -8.33 -7.98 1.96
N ARG A 55 -7.22 -8.73 2.04
CA ARG A 55 -6.51 -9.06 3.28
C ARG A 55 -5.46 -7.98 3.57
N LEU A 56 -5.79 -7.01 4.45
CA LEU A 56 -4.80 -6.06 4.98
C LEU A 56 -3.88 -6.81 5.96
N GLU A 57 -2.68 -7.14 5.48
CA GLU A 57 -1.66 -7.86 6.25
C GLU A 57 -0.40 -7.00 6.32
N GLY A 58 0.02 -6.63 7.55
CA GLY A 58 1.08 -5.66 7.77
C GLY A 58 0.64 -4.25 7.37
N ASP A 59 1.19 -3.74 6.26
CA ASP A 59 0.77 -2.44 5.67
C ASP A 59 0.24 -2.65 4.23
N THR A 60 0.37 -3.89 3.72
CA THR A 60 0.00 -4.22 2.34
C THR A 60 -1.45 -4.71 2.29
N PHE A 61 -2.27 -4.05 1.47
CA PHE A 61 -3.64 -4.50 1.15
C PHE A 61 -3.56 -5.66 0.12
N LYS A 62 -3.24 -6.86 0.63
CA LYS A 62 -3.09 -8.09 -0.18
C LYS A 62 -4.47 -8.60 -0.64
N ILE A 63 -4.80 -8.39 -1.92
CA ILE A 63 -6.09 -8.79 -2.49
C ILE A 63 -6.13 -10.32 -2.72
N GLU A 64 -6.58 -11.04 -1.68
CA GLU A 64 -6.61 -12.50 -1.63
C GLU A 64 -7.99 -12.95 -1.05
N MET A 1 20.27 -16.71 14.13
CA MET A 1 19.91 -15.29 14.37
C MET A 1 19.78 -15.04 15.89
N GLY A 2 20.78 -14.35 16.46
CA GLY A 2 20.80 -13.98 17.87
C GLY A 2 21.88 -12.95 18.15
N SER A 3 21.54 -11.89 18.90
CA SER A 3 22.48 -10.80 19.21
C SER A 3 23.45 -11.21 20.35
N SER A 4 22.99 -11.11 21.61
CA SER A 4 23.81 -11.38 22.81
C SER A 4 22.98 -11.20 24.09
N HIS A 5 23.21 -12.07 25.09
CA HIS A 5 22.72 -11.85 26.47
C HIS A 5 23.79 -11.11 27.31
N HIS A 6 25.03 -11.02 26.76
CA HIS A 6 26.11 -10.16 27.30
C HIS A 6 26.09 -8.78 26.61
N HIS A 7 24.89 -8.34 26.20
CA HIS A 7 24.64 -7.01 25.62
C HIS A 7 24.81 -5.95 26.73
N HIS A 8 26.03 -5.38 26.80
CA HIS A 8 26.45 -4.47 27.88
C HIS A 8 25.67 -3.14 27.85
N HIS A 9 25.57 -2.53 26.65
CA HIS A 9 24.78 -1.31 26.41
C HIS A 9 23.30 -1.57 26.70
N HIS A 10 22.63 -0.61 27.36
CA HIS A 10 21.17 -0.67 27.56
C HIS A 10 20.48 0.08 26.42
N SER A 11 19.84 -0.67 25.52
CA SER A 11 19.00 -0.13 24.44
C SER A 11 17.54 0.00 24.92
N SER A 12 16.62 0.37 24.01
CA SER A 12 15.19 0.48 24.35
C SER A 12 14.51 -0.89 24.25
N GLY A 13 14.72 -1.57 23.10
CA GLY A 13 14.00 -2.81 22.77
C GLY A 13 12.52 -2.53 22.49
N LEU A 14 12.25 -1.37 21.89
CA LEU A 14 10.90 -0.86 21.65
C LEU A 14 10.91 -0.06 20.34
N VAL A 15 10.17 -0.57 19.33
CA VAL A 15 10.03 0.10 18.02
C VAL A 15 8.71 0.92 17.98
N PRO A 16 8.80 2.29 17.86
CA PRO A 16 7.62 3.16 17.66
C PRO A 16 7.21 3.19 16.17
N ARG A 17 5.98 2.70 15.88
CA ARG A 17 5.41 2.71 14.52
C ARG A 17 5.05 4.14 14.07
N GLY A 18 5.97 4.79 13.38
CA GLY A 18 5.71 6.07 12.71
C GLY A 18 5.65 5.87 11.21
N SER A 19 6.80 5.49 10.65
CA SER A 19 6.94 5.17 9.24
C SER A 19 6.38 3.76 8.97
N HIS A 20 5.13 3.71 8.46
CA HIS A 20 4.44 2.46 8.07
C HIS A 20 4.23 2.47 6.54
N MET A 21 4.86 1.52 5.84
CA MET A 21 4.84 1.46 4.36
C MET A 21 3.53 0.81 3.88
N LYS A 22 2.49 1.65 3.72
CA LYS A 22 1.13 1.19 3.42
C LYS A 22 0.96 0.98 1.91
N THR A 23 1.24 -0.26 1.49
CA THR A 23 1.21 -0.70 0.09
C THR A 23 -0.04 -1.56 -0.16
N VAL A 24 -0.57 -1.52 -1.40
CA VAL A 24 -1.62 -2.44 -1.86
C VAL A 24 -0.99 -3.45 -2.85
N GLU A 25 -0.75 -4.65 -2.35
CA GLU A 25 -0.21 -5.76 -3.14
C GLU A 25 -1.38 -6.61 -3.68
N VAL A 26 -1.41 -6.80 -4.99
CA VAL A 26 -2.39 -7.68 -5.67
C VAL A 26 -1.68 -8.47 -6.79
N ASN A 27 -1.98 -9.80 -6.84
CA ASN A 27 -1.45 -10.74 -7.85
C ASN A 27 0.09 -10.85 -7.72
N GLY A 28 0.61 -10.59 -6.51
CA GLY A 28 2.05 -10.65 -6.22
C GLY A 28 2.80 -9.36 -6.57
N VAL A 29 2.10 -8.36 -7.13
CA VAL A 29 2.70 -7.05 -7.50
C VAL A 29 2.28 -5.99 -6.47
N LYS A 30 3.27 -5.28 -5.92
CA LYS A 30 3.05 -4.22 -4.93
C LYS A 30 2.87 -2.85 -5.60
N TYR A 31 1.74 -2.19 -5.29
CA TYR A 31 1.43 -0.82 -5.73
C TYR A 31 1.34 0.07 -4.48
N ASP A 32 2.41 0.83 -4.20
CA ASP A 32 2.47 1.70 -3.01
C ASP A 32 1.83 3.06 -3.31
N PHE A 33 1.04 3.57 -2.36
CA PHE A 33 0.30 4.82 -2.49
C PHE A 33 0.71 5.83 -1.42
N ASP A 34 0.60 7.12 -1.77
CA ASP A 34 0.76 8.23 -0.83
C ASP A 34 -0.44 8.26 0.13
N ASN A 35 -1.63 8.25 -0.47
CA ASN A 35 -2.90 8.30 0.25
C ASN A 35 -3.41 6.86 0.52
N PRO A 36 -3.62 6.48 1.83
CA PRO A 36 -4.30 5.20 2.18
C PRO A 36 -5.79 5.20 1.81
N GLU A 37 -6.30 6.38 1.41
CA GLU A 37 -7.67 6.55 0.91
C GLU A 37 -7.76 5.98 -0.51
N GLN A 38 -6.84 6.45 -1.37
CA GLN A 38 -6.70 5.97 -2.75
C GLN A 38 -6.31 4.49 -2.77
N ALA A 39 -5.47 4.10 -1.79
CA ALA A 39 -5.00 2.73 -1.60
C ALA A 39 -6.16 1.78 -1.25
N ARG A 40 -6.96 2.17 -0.24
CA ARG A 40 -8.07 1.36 0.30
C ARG A 40 -9.21 1.21 -0.72
N GLU A 41 -9.56 2.32 -1.38
CA GLU A 41 -10.63 2.34 -2.38
C GLU A 41 -10.23 1.52 -3.61
N MET A 42 -9.00 1.74 -4.14
CA MET A 42 -8.46 0.96 -5.28
C MET A 42 -8.46 -0.54 -4.95
N ALA A 43 -8.10 -0.84 -3.68
CA ALA A 43 -8.04 -2.20 -3.16
C ALA A 43 -9.40 -2.91 -3.28
N GLU A 44 -10.43 -2.30 -2.71
CA GLU A 44 -11.79 -2.88 -2.68
C GLU A 44 -12.42 -2.97 -4.08
N ARG A 45 -12.05 -2.03 -4.97
CA ARG A 45 -12.50 -2.02 -6.37
C ARG A 45 -11.85 -3.15 -7.18
N ILE A 46 -10.54 -3.36 -6.97
CA ILE A 46 -9.78 -4.45 -7.61
C ILE A 46 -10.27 -5.83 -7.07
N ALA A 47 -10.66 -5.87 -5.79
CA ALA A 47 -11.16 -7.09 -5.13
C ALA A 47 -12.44 -7.60 -5.80
N LYS A 48 -13.44 -6.71 -5.88
CA LYS A 48 -14.77 -7.03 -6.44
C LYS A 48 -14.72 -7.22 -7.97
N SER A 49 -13.67 -6.67 -8.62
CA SER A 49 -13.42 -6.82 -10.06
C SER A 49 -12.90 -8.24 -10.38
N LEU A 50 -11.88 -8.67 -9.62
CA LEU A 50 -11.17 -9.95 -9.85
C LEU A 50 -11.83 -11.13 -9.12
N GLY A 51 -12.68 -10.83 -8.14
CA GLY A 51 -13.31 -11.85 -7.27
C GLY A 51 -12.49 -12.15 -6.01
N LEU A 52 -11.33 -11.49 -5.88
CA LEU A 52 -10.41 -11.64 -4.74
C LEU A 52 -10.91 -10.85 -3.52
N GLN A 53 -10.25 -11.04 -2.37
CA GLN A 53 -10.55 -10.28 -1.14
C GLN A 53 -9.29 -9.55 -0.67
N VAL A 54 -9.48 -8.28 -0.26
CA VAL A 54 -8.40 -7.45 0.29
C VAL A 54 -8.11 -7.91 1.73
N ARG A 55 -7.13 -8.79 1.88
CA ARG A 55 -6.70 -9.28 3.19
C ARG A 55 -5.52 -8.42 3.65
N LEU A 56 -5.82 -7.49 4.56
CA LEU A 56 -4.83 -6.59 5.16
C LEU A 56 -3.98 -7.36 6.18
N GLU A 57 -2.77 -7.76 5.75
CA GLU A 57 -1.78 -8.44 6.62
C GLU A 57 -0.67 -7.44 6.97
N GLY A 58 -0.37 -7.33 8.28
CA GLY A 58 0.57 -6.35 8.77
C GLY A 58 0.03 -4.93 8.61
N ASP A 59 0.53 -4.22 7.59
CA ASP A 59 0.07 -2.86 7.25
C ASP A 59 -0.25 -2.76 5.74
N THR A 60 -0.01 -3.86 5.00
CA THR A 60 -0.15 -3.91 3.53
C THR A 60 -1.43 -4.66 3.09
N PHE A 61 -2.23 -4.01 2.22
CA PHE A 61 -3.47 -4.57 1.64
C PHE A 61 -3.14 -5.64 0.58
N LYS A 62 -3.22 -6.91 0.95
CA LYS A 62 -2.90 -8.04 0.05
C LYS A 62 -4.19 -8.64 -0.55
N ILE A 63 -4.54 -8.19 -1.77
CA ILE A 63 -5.73 -8.67 -2.51
C ILE A 63 -5.36 -9.96 -3.27
N GLU A 64 -5.35 -11.06 -2.52
CA GLU A 64 -4.86 -12.36 -3.00
C GLU A 64 -5.60 -13.47 -2.24
N MET A 1 10.27 -13.95 11.97
CA MET A 1 10.27 -13.98 13.44
C MET A 1 10.74 -12.62 13.99
N GLY A 2 9.80 -11.85 14.58
CA GLY A 2 10.11 -10.54 15.17
C GLY A 2 10.63 -10.65 16.60
N SER A 3 11.76 -11.36 16.76
CA SER A 3 12.41 -11.59 18.05
C SER A 3 13.25 -10.36 18.47
N SER A 4 12.59 -9.39 19.14
CA SER A 4 13.22 -8.14 19.59
C SER A 4 14.11 -8.39 20.82
N HIS A 5 15.15 -7.55 20.98
CA HIS A 5 16.14 -7.67 22.06
C HIS A 5 15.99 -6.45 22.99
N HIS A 6 16.11 -5.23 22.42
CA HIS A 6 15.92 -3.98 23.17
C HIS A 6 14.44 -3.62 23.24
N HIS A 7 13.99 -3.16 24.42
CA HIS A 7 12.59 -2.81 24.69
C HIS A 7 12.50 -1.46 25.43
N HIS A 8 11.29 -0.88 25.43
CA HIS A 8 10.97 0.39 26.10
C HIS A 8 9.45 0.45 26.38
N HIS A 9 9.06 0.71 27.65
CA HIS A 9 7.64 0.74 28.06
C HIS A 9 6.87 1.90 27.41
N HIS A 10 7.60 2.92 26.94
CA HIS A 10 7.00 4.11 26.30
C HIS A 10 7.97 4.69 25.24
N SER A 11 7.41 4.99 24.05
CA SER A 11 8.14 5.66 22.96
C SER A 11 8.41 7.12 23.37
N SER A 12 9.67 7.42 23.70
CA SER A 12 10.08 8.71 24.26
C SER A 12 11.43 9.15 23.66
N GLY A 13 11.53 10.44 23.30
CA GLY A 13 12.67 10.95 22.52
C GLY A 13 12.63 10.45 21.08
N LEU A 14 11.46 9.91 20.69
CA LEU A 14 11.20 9.32 19.38
C LEU A 14 10.00 10.00 18.73
N VAL A 15 10.01 10.14 17.40
CA VAL A 15 8.92 10.78 16.66
C VAL A 15 8.68 10.04 15.31
N PRO A 16 7.74 9.03 15.30
CA PRO A 16 7.22 8.44 14.04
C PRO A 16 6.33 9.45 13.30
N ARG A 17 6.62 9.69 12.00
CA ARG A 17 5.91 10.69 11.16
C ARG A 17 4.48 10.21 10.82
N GLY A 18 3.59 11.16 10.49
CA GLY A 18 2.21 10.84 10.09
C GLY A 18 2.12 10.28 8.68
N SER A 19 3.14 10.55 7.84
CA SER A 19 3.20 10.06 6.44
C SER A 19 3.28 8.52 6.41
N HIS A 20 2.11 7.89 6.25
CA HIS A 20 1.97 6.42 6.21
C HIS A 20 1.36 6.00 4.87
N MET A 21 2.23 5.96 3.84
CA MET A 21 1.90 5.43 2.51
C MET A 21 1.82 3.90 2.59
N LYS A 22 0.61 3.35 2.38
CA LYS A 22 0.37 1.90 2.43
C LYS A 22 0.47 1.28 1.03
N THR A 23 1.06 0.07 0.97
CA THR A 23 1.23 -0.68 -0.28
C THR A 23 0.06 -1.66 -0.47
N VAL A 24 -0.50 -1.67 -1.68
CA VAL A 24 -1.54 -2.62 -2.12
C VAL A 24 -0.92 -3.63 -3.08
N GLU A 25 -0.67 -4.83 -2.58
CA GLU A 25 -0.17 -5.96 -3.36
C GLU A 25 -1.37 -6.74 -3.91
N VAL A 26 -1.26 -7.16 -5.18
CA VAL A 26 -2.25 -7.99 -5.86
C VAL A 26 -1.61 -8.66 -7.08
N ASN A 27 -1.88 -9.98 -7.25
CA ASN A 27 -1.32 -10.84 -8.32
C ASN A 27 0.24 -10.91 -8.21
N GLY A 28 0.74 -10.71 -6.97
CA GLY A 28 2.18 -10.69 -6.68
C GLY A 28 2.80 -9.30 -6.81
N VAL A 29 2.06 -8.39 -7.47
CA VAL A 29 2.56 -7.06 -7.86
C VAL A 29 2.20 -6.02 -6.78
N LYS A 30 3.23 -5.41 -6.17
CA LYS A 30 3.06 -4.42 -5.08
C LYS A 30 2.90 -2.99 -5.65
N TYR A 31 1.66 -2.48 -5.60
CA TYR A 31 1.33 -1.09 -5.97
C TYR A 31 1.33 -0.20 -4.73
N ASP A 32 2.42 0.54 -4.51
CA ASP A 32 2.54 1.45 -3.36
C ASP A 32 1.83 2.78 -3.67
N PHE A 33 1.07 3.30 -2.70
CA PHE A 33 0.11 4.39 -2.95
C PHE A 33 0.32 5.59 -2.01
N ASP A 34 -0.33 6.70 -2.38
CA ASP A 34 -0.15 8.04 -1.77
C ASP A 34 -0.69 8.10 -0.33
N ASN A 35 -1.92 7.60 -0.15
CA ASN A 35 -2.67 7.74 1.11
C ASN A 35 -3.37 6.39 1.43
N PRO A 36 -3.45 5.96 2.73
CA PRO A 36 -4.09 4.68 3.17
C PRO A 36 -5.55 4.52 2.68
N GLU A 37 -6.29 5.64 2.69
CA GLU A 37 -7.72 5.67 2.31
C GLU A 37 -7.89 5.40 0.81
N GLN A 38 -7.07 6.12 0.01
CA GLN A 38 -7.07 6.01 -1.46
C GLN A 38 -6.52 4.65 -1.90
N ALA A 39 -5.60 4.09 -1.09
CA ALA A 39 -5.02 2.77 -1.27
C ALA A 39 -6.09 1.69 -1.04
N ARG A 40 -6.94 1.92 -0.02
CA ARG A 40 -8.05 1.01 0.35
C ARG A 40 -9.12 1.00 -0.76
N GLU A 41 -9.43 2.19 -1.30
CA GLU A 41 -10.41 2.35 -2.39
C GLU A 41 -9.94 1.58 -3.64
N MET A 42 -8.68 1.85 -4.07
CA MET A 42 -8.05 1.17 -5.21
C MET A 42 -8.08 -0.35 -5.02
N ALA A 43 -7.69 -0.77 -3.80
CA ALA A 43 -7.63 -2.19 -3.39
C ALA A 43 -8.98 -2.89 -3.59
N GLU A 44 -10.05 -2.31 -3.03
CA GLU A 44 -11.39 -2.91 -3.05
C GLU A 44 -11.99 -2.95 -4.46
N ARG A 45 -11.63 -1.97 -5.31
CA ARG A 45 -12.05 -1.90 -6.72
C ARG A 45 -11.33 -2.99 -7.57
N ILE A 46 -10.07 -3.30 -7.20
CA ILE A 46 -9.31 -4.41 -7.82
C ILE A 46 -9.87 -5.78 -7.33
N ALA A 47 -10.24 -5.81 -6.03
CA ALA A 47 -10.73 -7.03 -5.36
C ALA A 47 -12.03 -7.55 -6.00
N LYS A 48 -13.00 -6.63 -6.13
CA LYS A 48 -14.32 -6.93 -6.73
C LYS A 48 -14.20 -7.23 -8.24
N SER A 49 -13.17 -6.65 -8.90
CA SER A 49 -12.87 -6.87 -10.33
C SER A 49 -12.45 -8.33 -10.56
N LEU A 50 -11.57 -8.84 -9.69
CA LEU A 50 -11.04 -10.21 -9.77
C LEU A 50 -11.98 -11.23 -9.08
N GLY A 51 -12.77 -10.75 -8.12
CA GLY A 51 -13.61 -11.61 -7.26
C GLY A 51 -12.93 -11.99 -5.95
N LEU A 52 -11.72 -11.44 -5.71
CA LEU A 52 -10.94 -11.68 -4.47
C LEU A 52 -11.35 -10.70 -3.34
N GLN A 53 -10.66 -10.83 -2.19
CA GLN A 53 -10.87 -9.95 -1.02
C GLN A 53 -9.54 -9.25 -0.68
N VAL A 54 -9.61 -8.03 -0.12
CA VAL A 54 -8.41 -7.31 0.32
C VAL A 54 -8.04 -7.74 1.75
N ARG A 55 -7.04 -8.63 1.84
CA ARG A 55 -6.51 -9.11 3.13
C ARG A 55 -5.35 -8.20 3.58
N LEU A 56 -5.68 -7.19 4.41
CA LEU A 56 -4.65 -6.31 5.00
C LEU A 56 -3.85 -7.10 6.05
N GLU A 57 -2.62 -7.46 5.68
CA GLU A 57 -1.66 -8.14 6.55
C GLU A 57 -0.67 -7.11 7.11
N GLY A 58 -0.79 -6.84 8.42
CA GLY A 58 0.09 -5.91 9.12
C GLY A 58 -0.27 -4.46 8.83
N ASP A 59 0.49 -3.86 7.91
CA ASP A 59 0.26 -2.48 7.43
C ASP A 59 -0.40 -2.52 6.04
N THR A 60 0.05 -3.50 5.23
CA THR A 60 -0.16 -3.52 3.78
C THR A 60 -1.45 -4.25 3.38
N PHE A 61 -2.16 -3.68 2.39
CA PHE A 61 -3.31 -4.33 1.74
C PHE A 61 -2.76 -5.42 0.78
N LYS A 62 -3.25 -6.66 0.91
CA LYS A 62 -2.81 -7.79 0.05
C LYS A 62 -4.06 -8.54 -0.44
N ILE A 63 -4.46 -8.25 -1.68
CA ILE A 63 -5.71 -8.73 -2.27
C ILE A 63 -5.61 -10.22 -2.63
N GLU A 64 -6.07 -11.07 -1.70
CA GLU A 64 -6.02 -12.53 -1.81
C GLU A 64 -7.34 -13.09 -1.23
N MET A 1 23.12 -15.18 -0.59
CA MET A 1 24.07 -14.07 -0.33
C MET A 1 24.38 -13.34 -1.64
N GLY A 2 24.12 -12.03 -1.67
CA GLY A 2 24.41 -11.18 -2.82
C GLY A 2 23.56 -9.94 -2.83
N SER A 3 22.50 -9.96 -3.64
CA SER A 3 21.57 -8.83 -3.80
C SER A 3 20.25 -9.09 -3.03
N SER A 4 20.29 -10.04 -2.06
CA SER A 4 19.11 -10.49 -1.30
C SER A 4 18.43 -9.33 -0.52
N HIS A 5 17.47 -8.67 -1.20
CA HIS A 5 16.79 -7.45 -0.70
C HIS A 5 15.74 -7.80 0.37
N HIS A 6 15.12 -9.00 0.24
CA HIS A 6 14.15 -9.51 1.22
C HIS A 6 14.92 -9.99 2.47
N HIS A 7 15.36 -9.01 3.27
CA HIS A 7 16.16 -9.24 4.47
C HIS A 7 15.21 -9.44 5.66
N HIS A 8 15.37 -10.57 6.35
CA HIS A 8 14.51 -10.94 7.50
C HIS A 8 14.91 -10.10 8.72
N HIS A 9 13.92 -9.37 9.27
CA HIS A 9 14.13 -8.43 10.39
C HIS A 9 12.92 -8.43 11.32
N HIS A 10 13.07 -7.83 12.51
CA HIS A 10 12.01 -7.78 13.54
C HIS A 10 12.12 -6.46 14.35
N SER A 11 11.36 -6.39 15.46
CA SER A 11 11.40 -5.26 16.41
C SER A 11 12.78 -5.15 17.09
N SER A 12 13.70 -4.42 16.43
CA SER A 12 15.09 -4.24 16.89
C SER A 12 15.19 -2.94 17.69
N GLY A 13 15.47 -3.05 19.00
CA GLY A 13 15.60 -1.89 19.91
C GLY A 13 14.29 -1.13 20.12
N LEU A 14 13.17 -1.87 20.02
CA LEU A 14 11.78 -1.35 20.14
C LEU A 14 11.46 -0.29 19.06
N VAL A 15 12.28 -0.22 18.00
CA VAL A 15 12.10 0.74 16.89
C VAL A 15 11.01 0.22 15.92
N PRO A 16 9.79 0.87 15.89
CA PRO A 16 8.66 0.41 15.08
C PRO A 16 8.60 1.08 13.69
N ARG A 17 7.59 0.69 12.90
CA ARG A 17 7.27 1.34 11.62
C ARG A 17 5.83 1.85 11.68
N GLY A 18 5.65 3.06 12.24
CA GLY A 18 4.37 3.76 12.22
C GLY A 18 4.11 4.41 10.87
N SER A 19 3.87 3.54 9.86
CA SER A 19 3.75 3.94 8.46
C SER A 19 2.29 4.31 8.13
N HIS A 20 2.10 5.56 7.68
CA HIS A 20 0.81 6.08 7.18
C HIS A 20 0.56 5.53 5.75
N MET A 21 1.67 5.32 5.01
CA MET A 21 1.66 4.81 3.62
C MET A 21 1.26 3.33 3.59
N LYS A 22 0.24 2.99 2.77
CA LYS A 22 -0.24 1.60 2.64
C LYS A 22 -0.02 1.09 1.22
N THR A 23 0.73 -0.01 1.13
CA THR A 23 0.94 -0.76 -0.12
C THR A 23 -0.25 -1.69 -0.40
N VAL A 24 -0.57 -1.87 -1.69
CA VAL A 24 -1.61 -2.80 -2.16
C VAL A 24 -0.94 -3.89 -3.00
N GLU A 25 -0.80 -5.10 -2.42
CA GLU A 25 -0.14 -6.22 -3.09
C GLU A 25 -1.19 -7.14 -3.73
N VAL A 26 -1.32 -7.00 -5.06
CA VAL A 26 -2.22 -7.80 -5.91
C VAL A 26 -1.45 -8.27 -7.15
N ASN A 27 -1.68 -9.55 -7.54
CA ASN A 27 -0.96 -10.24 -8.65
C ASN A 27 0.55 -10.33 -8.30
N GLY A 28 0.85 -10.33 -6.99
CA GLY A 28 2.24 -10.30 -6.48
C GLY A 28 2.94 -8.98 -6.80
N VAL A 29 2.15 -7.93 -7.06
CA VAL A 29 2.65 -6.59 -7.44
C VAL A 29 2.27 -5.60 -6.33
N LYS A 30 3.30 -5.02 -5.69
CA LYS A 30 3.14 -4.09 -4.57
C LYS A 30 3.00 -2.63 -5.08
N TYR A 31 1.74 -2.16 -5.18
CA TYR A 31 1.41 -0.77 -5.52
C TYR A 31 1.42 0.09 -4.24
N ASP A 32 2.51 0.83 -4.01
CA ASP A 32 2.70 1.57 -2.75
C ASP A 32 2.03 2.97 -2.85
N PHE A 33 1.03 3.19 -2.00
CA PHE A 33 0.31 4.48 -1.91
C PHE A 33 0.80 5.26 -0.70
N ASP A 34 1.14 6.53 -0.92
CA ASP A 34 1.40 7.50 0.16
C ASP A 34 0.08 7.85 0.87
N ASN A 35 -1.04 7.72 0.13
CA ASN A 35 -2.40 7.92 0.65
C ASN A 35 -3.03 6.55 0.98
N PRO A 36 -3.21 6.21 2.31
CA PRO A 36 -3.83 4.94 2.76
C PRO A 36 -5.32 4.85 2.38
N GLU A 37 -5.94 6.02 2.13
CA GLU A 37 -7.35 6.15 1.79
C GLU A 37 -7.59 5.66 0.35
N GLN A 38 -6.70 6.11 -0.55
CA GLN A 38 -6.74 5.75 -1.98
C GLN A 38 -6.28 4.29 -2.17
N ALA A 39 -5.37 3.83 -1.27
CA ALA A 39 -4.93 2.43 -1.21
C ALA A 39 -6.11 1.50 -0.93
N ARG A 40 -6.90 1.90 0.08
CA ARG A 40 -8.08 1.14 0.52
C ARG A 40 -9.09 0.99 -0.62
N GLU A 41 -9.52 2.15 -1.18
CA GLU A 41 -10.52 2.24 -2.26
C GLU A 41 -10.11 1.39 -3.47
N MET A 42 -8.89 1.66 -3.98
CA MET A 42 -8.31 0.96 -5.14
C MET A 42 -8.33 -0.56 -4.94
N ALA A 43 -7.90 -1.00 -3.75
CA ALA A 43 -7.78 -2.42 -3.38
C ALA A 43 -9.14 -3.13 -3.38
N GLU A 44 -10.17 -2.43 -2.86
CA GLU A 44 -11.55 -2.96 -2.81
C GLU A 44 -12.14 -3.14 -4.23
N ARG A 45 -11.82 -2.18 -5.11
CA ARG A 45 -12.29 -2.16 -6.51
C ARG A 45 -11.67 -3.32 -7.32
N ILE A 46 -10.36 -3.52 -7.15
CA ILE A 46 -9.61 -4.62 -7.80
C ILE A 46 -10.10 -5.99 -7.29
N ALA A 47 -10.35 -6.06 -5.97
CA ALA A 47 -10.79 -7.29 -5.28
C ALA A 47 -12.14 -7.78 -5.84
N LYS A 48 -13.15 -6.88 -5.84
CA LYS A 48 -14.50 -7.22 -6.31
C LYS A 48 -14.51 -7.48 -7.83
N SER A 49 -13.55 -6.89 -8.56
CA SER A 49 -13.42 -7.07 -10.01
C SER A 49 -12.88 -8.48 -10.33
N LEU A 50 -11.85 -8.91 -9.60
CA LEU A 50 -11.20 -10.22 -9.82
C LEU A 50 -11.96 -11.35 -9.09
N GLY A 51 -12.90 -10.98 -8.22
CA GLY A 51 -13.62 -11.94 -7.38
C GLY A 51 -12.83 -12.37 -6.15
N LEU A 52 -11.71 -11.68 -5.88
CA LEU A 52 -10.87 -11.89 -4.70
C LEU A 52 -11.39 -11.07 -3.51
N GLN A 53 -10.68 -11.17 -2.38
CA GLN A 53 -10.97 -10.40 -1.16
C GLN A 53 -9.68 -9.70 -0.71
N VAL A 54 -9.73 -8.38 -0.47
CA VAL A 54 -8.56 -7.62 0.01
C VAL A 54 -8.37 -7.81 1.53
N ARG A 55 -7.36 -8.61 1.88
CA ARG A 55 -6.94 -8.84 3.27
C ARG A 55 -5.70 -7.97 3.56
N LEU A 56 -5.92 -6.82 4.21
CA LEU A 56 -4.83 -5.96 4.67
C LEU A 56 -4.05 -6.64 5.82
N GLU A 57 -2.72 -6.47 5.79
CA GLU A 57 -1.81 -7.08 6.75
C GLU A 57 -0.76 -6.02 7.12
N GLY A 58 -1.02 -5.26 8.19
CA GLY A 58 -0.18 -4.13 8.56
C GLY A 58 -0.22 -3.04 7.51
N ASP A 59 0.81 -2.99 6.65
CA ASP A 59 0.93 -1.99 5.57
C ASP A 59 0.77 -2.60 4.18
N THR A 60 0.28 -3.84 4.09
CA THR A 60 0.09 -4.54 2.79
C THR A 60 -1.35 -5.05 2.64
N PHE A 61 -2.18 -4.26 1.93
CA PHE A 61 -3.50 -4.69 1.43
C PHE A 61 -3.32 -5.81 0.37
N LYS A 62 -3.27 -7.06 0.85
CA LYS A 62 -3.00 -8.24 0.00
C LYS A 62 -4.34 -8.78 -0.54
N ILE A 63 -4.60 -8.52 -1.83
CA ILE A 63 -5.85 -8.93 -2.50
C ILE A 63 -5.74 -10.41 -2.90
N GLU A 64 -6.19 -11.30 -2.00
CA GLU A 64 -6.09 -12.75 -2.17
C GLU A 64 -7.40 -13.39 -1.66
N MET A 1 16.24 17.26 -22.67
CA MET A 1 17.36 18.02 -23.31
C MET A 1 18.71 17.34 -23.00
N GLY A 2 19.02 17.21 -21.69
CA GLY A 2 20.28 16.61 -21.24
C GLY A 2 20.22 16.19 -19.78
N SER A 3 19.68 14.98 -19.55
CA SER A 3 19.64 14.36 -18.22
C SER A 3 21.07 14.01 -17.76
N SER A 4 21.49 14.59 -16.62
CA SER A 4 22.88 14.51 -16.13
C SER A 4 22.90 14.62 -14.60
N HIS A 5 23.53 13.63 -13.95
CA HIS A 5 23.76 13.63 -12.50
C HIS A 5 25.10 12.95 -12.19
N HIS A 6 26.01 13.71 -11.57
CA HIS A 6 27.38 13.24 -11.26
C HIS A 6 27.39 12.46 -9.92
N HIS A 7 26.42 12.79 -9.03
CA HIS A 7 26.29 12.13 -7.72
C HIS A 7 25.81 10.67 -7.88
N HIS A 8 26.37 9.80 -7.02
CA HIS A 8 26.10 8.35 -7.04
C HIS A 8 24.77 8.01 -6.35
N HIS A 9 23.96 7.19 -7.02
CA HIS A 9 22.72 6.62 -6.45
C HIS A 9 22.68 5.11 -6.77
N HIS A 10 22.69 4.28 -5.72
CA HIS A 10 22.63 2.82 -5.83
C HIS A 10 22.06 2.25 -4.51
N SER A 11 20.73 2.36 -4.37
CA SER A 11 19.98 1.81 -3.22
C SER A 11 18.50 1.61 -3.61
N SER A 12 18.08 0.34 -3.67
CA SER A 12 16.70 -0.06 -3.95
C SER A 12 16.41 -1.42 -3.29
N GLY A 13 15.12 -1.80 -3.21
CA GLY A 13 14.69 -3.08 -2.65
C GLY A 13 14.51 -3.06 -1.13
N LEU A 14 15.27 -2.20 -0.43
CA LEU A 14 15.16 -2.01 1.03
C LEU A 14 13.93 -1.14 1.33
N VAL A 15 14.00 0.12 0.88
CA VAL A 15 12.93 1.13 1.04
C VAL A 15 12.83 2.00 -0.26
N PRO A 16 12.25 1.46 -1.38
CA PRO A 16 12.03 2.25 -2.61
C PRO A 16 10.96 3.33 -2.35
N ARG A 17 11.20 4.56 -2.82
CA ARG A 17 10.31 5.74 -2.61
C ARG A 17 10.29 6.20 -1.13
N GLY A 18 11.03 5.50 -0.25
CA GLY A 18 10.90 5.69 1.19
C GLY A 18 9.52 5.31 1.69
N SER A 19 9.09 4.09 1.31
CA SER A 19 7.77 3.53 1.66
C SER A 19 7.54 3.47 3.19
N HIS A 20 6.96 4.56 3.74
CA HIS A 20 6.49 4.65 5.14
C HIS A 20 4.99 4.97 5.12
N MET A 21 4.33 4.43 4.09
CA MET A 21 2.92 4.73 3.74
C MET A 21 2.15 3.39 3.64
N LYS A 22 1.07 3.30 2.82
CA LYS A 22 0.28 2.04 2.70
C LYS A 22 0.33 1.51 1.25
N THR A 23 0.91 0.32 1.09
CA THR A 23 1.07 -0.35 -0.21
C THR A 23 -0.13 -1.29 -0.49
N VAL A 24 -0.54 -1.39 -1.77
CA VAL A 24 -1.53 -2.37 -2.26
C VAL A 24 -0.81 -3.44 -3.10
N GLU A 25 -0.76 -4.67 -2.60
CA GLU A 25 -0.19 -5.81 -3.34
C GLU A 25 -1.32 -6.64 -3.97
N VAL A 26 -1.27 -6.79 -5.31
CA VAL A 26 -2.19 -7.64 -6.07
C VAL A 26 -1.44 -8.32 -7.23
N ASN A 27 -1.75 -9.62 -7.45
CA ASN A 27 -1.05 -10.50 -8.42
C ASN A 27 0.44 -10.68 -7.99
N GLY A 28 0.67 -10.55 -6.67
CA GLY A 28 2.02 -10.61 -6.09
C GLY A 28 2.86 -9.38 -6.41
N VAL A 29 2.21 -8.30 -6.89
CA VAL A 29 2.87 -7.05 -7.33
C VAL A 29 2.49 -5.92 -6.36
N LYS A 30 3.49 -5.32 -5.71
CA LYS A 30 3.28 -4.21 -4.76
C LYS A 30 3.21 -2.85 -5.48
N TYR A 31 1.99 -2.30 -5.57
CA TYR A 31 1.73 -0.92 -6.00
C TYR A 31 1.69 -0.01 -4.78
N ASP A 32 2.73 0.81 -4.59
CA ASP A 32 2.88 1.64 -3.36
C ASP A 32 2.04 2.92 -3.45
N PHE A 33 1.16 3.14 -2.45
CA PHE A 33 0.30 4.34 -2.36
C PHE A 33 0.81 5.27 -1.27
N ASP A 34 0.65 6.58 -1.52
CA ASP A 34 0.99 7.65 -0.56
C ASP A 34 -0.05 7.70 0.58
N ASN A 35 -1.32 7.43 0.21
CA ASN A 35 -2.48 7.59 1.09
C ASN A 35 -3.18 6.24 1.34
N PRO A 36 -3.49 5.88 2.65
CA PRO A 36 -4.24 4.64 3.01
C PRO A 36 -5.67 4.62 2.47
N GLU A 37 -6.20 5.80 2.13
CA GLU A 37 -7.60 5.98 1.71
C GLU A 37 -7.75 5.58 0.24
N GLN A 38 -6.84 6.14 -0.60
CA GLN A 38 -6.68 5.75 -2.01
C GLN A 38 -6.35 4.25 -2.10
N ALA A 39 -5.47 3.80 -1.19
CA ALA A 39 -5.02 2.41 -1.10
C ALA A 39 -6.19 1.46 -0.82
N ARG A 40 -7.05 1.81 0.17
CA ARG A 40 -8.18 0.95 0.57
C ARG A 40 -9.18 0.82 -0.58
N GLU A 41 -9.63 1.97 -1.10
CA GLU A 41 -10.64 2.05 -2.17
C GLU A 41 -10.20 1.23 -3.39
N MET A 42 -9.02 1.58 -3.94
CA MET A 42 -8.42 0.93 -5.12
C MET A 42 -8.37 -0.59 -4.92
N ALA A 43 -7.89 -1.00 -3.74
CA ALA A 43 -7.70 -2.42 -3.39
C ALA A 43 -9.04 -3.18 -3.32
N GLU A 44 -10.10 -2.51 -2.84
CA GLU A 44 -11.45 -3.10 -2.79
C GLU A 44 -12.05 -3.22 -4.20
N ARG A 45 -11.75 -2.22 -5.06
CA ARG A 45 -12.24 -2.14 -6.44
C ARG A 45 -11.61 -3.22 -7.33
N ILE A 46 -10.31 -3.46 -7.12
CA ILE A 46 -9.56 -4.51 -7.82
C ILE A 46 -10.02 -5.89 -7.30
N ALA A 47 -10.21 -5.99 -5.97
CA ALA A 47 -10.65 -7.23 -5.30
C ALA A 47 -11.96 -7.76 -5.89
N LYS A 48 -12.98 -6.89 -5.91
CA LYS A 48 -14.31 -7.21 -6.42
C LYS A 48 -14.33 -7.42 -7.96
N SER A 49 -13.33 -6.85 -8.66
CA SER A 49 -13.17 -7.02 -10.12
C SER A 49 -12.63 -8.42 -10.46
N LEU A 50 -11.73 -8.92 -9.58
CA LEU A 50 -11.12 -10.27 -9.71
C LEU A 50 -12.02 -11.35 -9.07
N GLY A 51 -12.84 -10.93 -8.10
CA GLY A 51 -13.64 -11.84 -7.26
C GLY A 51 -13.01 -12.08 -5.89
N LEU A 52 -11.77 -11.60 -5.70
CA LEU A 52 -10.99 -11.75 -4.45
C LEU A 52 -11.47 -10.81 -3.33
N GLN A 53 -10.73 -10.82 -2.21
CA GLN A 53 -10.98 -9.92 -1.06
C GLN A 53 -9.64 -9.34 -0.61
N VAL A 54 -9.63 -8.05 -0.24
CA VAL A 54 -8.40 -7.36 0.18
C VAL A 54 -8.15 -7.53 1.71
N ARG A 55 -7.29 -8.50 2.04
CA ARG A 55 -6.80 -8.71 3.40
C ARG A 55 -5.49 -7.92 3.56
N LEU A 56 -5.56 -6.76 4.21
CA LEU A 56 -4.38 -5.96 4.56
C LEU A 56 -3.54 -6.70 5.62
N GLU A 57 -2.44 -7.32 5.16
CA GLU A 57 -1.50 -8.04 6.03
C GLU A 57 -0.55 -7.00 6.63
N GLY A 58 -0.66 -6.80 7.95
CA GLY A 58 -0.02 -5.67 8.60
C GLY A 58 -0.71 -4.38 8.20
N ASP A 59 -0.09 -3.66 7.24
CA ASP A 59 -0.69 -2.45 6.64
C ASP A 59 -0.92 -2.64 5.12
N THR A 60 -0.09 -3.51 4.50
CA THR A 60 -0.09 -3.73 3.05
C THR A 60 -1.39 -4.44 2.61
N PHE A 61 -2.24 -3.68 1.89
CA PHE A 61 -3.50 -4.15 1.32
C PHE A 61 -3.26 -5.26 0.26
N LYS A 62 -3.17 -6.52 0.74
CA LYS A 62 -2.96 -7.69 -0.13
C LYS A 62 -4.31 -8.26 -0.57
N ILE A 63 -4.55 -8.23 -1.88
CA ILE A 63 -5.81 -8.69 -2.50
C ILE A 63 -5.75 -10.20 -2.73
N GLU A 64 -6.19 -10.96 -1.72
CA GLU A 64 -6.16 -12.43 -1.71
C GLU A 64 -7.52 -12.95 -1.21
N MET A 1 -10.88 19.68 -1.28
CA MET A 1 -11.62 18.86 -0.31
C MET A 1 -10.72 17.73 0.20
N GLY A 2 -10.38 17.75 1.51
CA GLY A 2 -9.52 16.73 2.13
C GLY A 2 -8.04 16.86 1.73
N SER A 3 -7.64 18.09 1.33
CA SER A 3 -6.28 18.38 0.84
C SER A 3 -5.41 19.05 1.92
N SER A 4 -5.83 18.94 3.19
CA SER A 4 -5.08 19.50 4.33
C SER A 4 -3.98 18.52 4.80
N HIS A 5 -2.82 18.58 4.12
CA HIS A 5 -1.65 17.70 4.36
C HIS A 5 -0.39 18.55 4.55
N HIS A 6 0.79 17.91 4.80
CA HIS A 6 2.07 18.65 4.92
C HIS A 6 2.60 19.08 3.53
N HIS A 7 2.03 20.21 3.04
CA HIS A 7 2.30 20.74 1.70
C HIS A 7 3.60 21.56 1.67
N HIS A 8 4.72 20.85 1.52
CA HIS A 8 6.07 21.44 1.37
C HIS A 8 6.90 20.54 0.44
N HIS A 9 7.62 21.17 -0.50
CA HIS A 9 8.46 20.44 -1.46
C HIS A 9 9.69 19.85 -0.74
N HIS A 10 9.96 18.57 -0.99
CA HIS A 10 11.06 17.84 -0.34
C HIS A 10 12.40 18.22 -0.96
N SER A 11 13.39 18.48 -0.09
CA SER A 11 14.74 18.93 -0.49
C SER A 11 15.59 17.75 -1.03
N SER A 12 16.34 18.00 -2.13
CA SER A 12 17.20 17.00 -2.78
C SER A 12 18.33 16.54 -1.84
N GLY A 13 18.38 15.23 -1.57
CA GLY A 13 19.37 14.64 -0.66
C GLY A 13 18.80 14.31 0.71
N LEU A 14 17.69 14.97 1.07
CA LEU A 14 17.00 14.75 2.36
C LEU A 14 15.76 13.86 2.12
N VAL A 15 15.90 12.57 2.43
CA VAL A 15 14.84 11.56 2.31
C VAL A 15 15.02 10.50 3.42
N PRO A 16 14.36 10.68 4.60
CA PRO A 16 14.39 9.67 5.69
C PRO A 16 13.68 8.37 5.28
N ARG A 17 14.47 7.36 4.86
CA ARG A 17 13.98 6.02 4.52
C ARG A 17 13.54 5.29 5.82
N GLY A 18 12.30 5.59 6.23
CA GLY A 18 11.71 5.07 7.45
C GLY A 18 10.30 5.58 7.61
N SER A 19 9.51 5.43 6.54
CA SER A 19 8.13 5.91 6.46
C SER A 19 7.21 4.77 5.96
N HIS A 20 6.15 4.45 6.73
CA HIS A 20 5.19 3.39 6.39
C HIS A 20 4.32 3.83 5.19
N MET A 21 4.73 3.37 3.99
CA MET A 21 4.03 3.63 2.73
C MET A 21 2.95 2.56 2.50
N LYS A 22 1.75 3.01 2.16
CA LYS A 22 0.56 2.17 2.03
C LYS A 22 0.66 1.26 0.79
N THR A 23 1.11 0.03 1.01
CA THR A 23 1.35 -0.93 -0.05
C THR A 23 0.08 -1.76 -0.32
N VAL A 24 -0.39 -1.75 -1.57
CA VAL A 24 -1.48 -2.63 -2.02
C VAL A 24 -0.89 -3.72 -2.91
N GLU A 25 -0.87 -4.95 -2.40
CA GLU A 25 -0.28 -6.08 -3.12
C GLU A 25 -1.41 -6.96 -3.69
N VAL A 26 -1.70 -6.79 -4.99
CA VAL A 26 -2.69 -7.64 -5.70
C VAL A 26 -1.97 -8.56 -6.69
N ASN A 27 -2.34 -9.86 -6.67
CA ASN A 27 -1.78 -10.92 -7.54
C ASN A 27 -0.25 -11.05 -7.32
N GLY A 28 0.19 -10.68 -6.09
CA GLY A 28 1.60 -10.74 -5.70
C GLY A 28 2.42 -9.58 -6.22
N VAL A 29 1.75 -8.52 -6.68
CA VAL A 29 2.37 -7.31 -7.24
C VAL A 29 2.05 -6.11 -6.32
N LYS A 30 3.09 -5.45 -5.78
CA LYS A 30 2.95 -4.33 -4.83
C LYS A 30 2.73 -2.99 -5.57
N TYR A 31 1.89 -2.13 -4.97
CA TYR A 31 1.58 -0.78 -5.47
C TYR A 31 1.76 0.24 -4.34
N ASP A 32 2.57 1.28 -4.61
CA ASP A 32 2.89 2.32 -3.62
C ASP A 32 1.77 3.36 -3.52
N PHE A 33 1.32 3.62 -2.29
CA PHE A 33 0.38 4.72 -1.98
C PHE A 33 0.92 5.53 -0.81
N ASP A 34 0.79 6.85 -0.92
CA ASP A 34 0.99 7.78 0.19
C ASP A 34 -0.29 7.81 1.05
N ASN A 35 -1.42 8.08 0.36
CA ASN A 35 -2.75 8.17 1.00
C ASN A 35 -3.30 6.75 1.30
N PRO A 36 -3.65 6.44 2.60
CA PRO A 36 -4.36 5.19 2.97
C PRO A 36 -5.80 5.18 2.39
N GLU A 37 -6.26 6.40 2.00
CA GLU A 37 -7.58 6.64 1.42
C GLU A 37 -7.65 5.97 0.05
N GLN A 38 -6.66 6.30 -0.80
CA GLN A 38 -6.54 5.80 -2.18
C GLN A 38 -6.14 4.33 -2.19
N ALA A 39 -5.34 3.92 -1.18
CA ALA A 39 -4.89 2.53 -1.00
C ALA A 39 -6.09 1.58 -0.81
N ARG A 40 -6.99 1.99 0.11
CA ARG A 40 -8.21 1.23 0.42
C ARG A 40 -9.17 1.24 -0.79
N GLU A 41 -9.36 2.43 -1.39
CA GLU A 41 -10.22 2.64 -2.58
C GLU A 41 -9.88 1.64 -3.70
N MET A 42 -8.61 1.67 -4.17
CA MET A 42 -8.14 0.79 -5.26
C MET A 42 -8.27 -0.70 -4.86
N ALA A 43 -7.99 -0.99 -3.58
CA ALA A 43 -8.04 -2.36 -3.03
C ALA A 43 -9.44 -2.99 -3.20
N GLU A 44 -10.47 -2.24 -2.77
CA GLU A 44 -11.86 -2.70 -2.81
C GLU A 44 -12.38 -2.87 -4.25
N ARG A 45 -11.99 -1.90 -5.12
CA ARG A 45 -12.39 -1.89 -6.55
C ARG A 45 -11.85 -3.12 -7.28
N ILE A 46 -10.55 -3.41 -7.06
CA ILE A 46 -9.85 -4.54 -7.69
C ILE A 46 -10.37 -5.90 -7.14
N ALA A 47 -10.64 -5.93 -5.82
CA ALA A 47 -11.10 -7.14 -5.10
C ALA A 47 -12.38 -7.71 -5.72
N LYS A 48 -13.36 -6.82 -5.94
CA LYS A 48 -14.67 -7.19 -6.49
C LYS A 48 -14.60 -7.34 -8.03
N SER A 49 -13.58 -6.73 -8.66
CA SER A 49 -13.37 -6.80 -10.13
C SER A 49 -12.86 -8.19 -10.55
N LEU A 50 -11.89 -8.71 -9.78
CA LEU A 50 -11.25 -10.01 -10.05
C LEU A 50 -11.95 -11.15 -9.29
N GLY A 51 -12.70 -10.78 -8.24
CA GLY A 51 -13.34 -11.76 -7.36
C GLY A 51 -12.42 -12.25 -6.24
N LEU A 52 -11.29 -11.53 -6.04
CA LEU A 52 -10.33 -11.82 -4.98
C LEU A 52 -10.74 -11.15 -3.65
N GLN A 53 -9.90 -11.32 -2.62
CA GLN A 53 -10.18 -10.78 -1.28
C GLN A 53 -8.97 -9.97 -0.76
N VAL A 54 -9.24 -8.71 -0.32
CA VAL A 54 -8.22 -7.86 0.32
C VAL A 54 -7.89 -8.41 1.72
N ARG A 55 -6.68 -8.95 1.87
CA ARG A 55 -6.19 -9.51 3.14
C ARG A 55 -5.16 -8.53 3.71
N LEU A 56 -5.64 -7.59 4.54
CA LEU A 56 -4.82 -6.49 5.06
C LEU A 56 -3.87 -6.99 6.17
N GLU A 57 -2.62 -7.24 5.79
CA GLU A 57 -1.55 -7.63 6.70
C GLU A 57 -0.76 -6.38 7.08
N GLY A 58 -1.26 -5.68 8.10
CA GLY A 58 -0.63 -4.44 8.58
C GLY A 58 -0.77 -3.31 7.56
N ASP A 59 0.33 -3.04 6.82
CA ASP A 59 0.37 -1.99 5.78
C ASP A 59 -0.02 -2.54 4.40
N THR A 60 0.15 -3.86 4.20
CA THR A 60 -0.03 -4.49 2.88
C THR A 60 -1.47 -5.01 2.66
N PHE A 61 -2.22 -4.30 1.79
CA PHE A 61 -3.54 -4.75 1.29
C PHE A 61 -3.33 -5.90 0.29
N LYS A 62 -3.15 -7.13 0.81
CA LYS A 62 -2.82 -8.31 -0.02
C LYS A 62 -4.08 -8.92 -0.64
N ILE A 63 -4.47 -8.41 -1.83
CA ILE A 63 -5.65 -8.85 -2.56
C ILE A 63 -5.38 -10.21 -3.22
N GLU A 64 -5.62 -11.27 -2.44
CA GLU A 64 -5.39 -12.66 -2.83
C GLU A 64 -6.67 -13.44 -2.47
N MET A 1 1.45 40.79 -7.65
CA MET A 1 2.70 40.93 -6.86
C MET A 1 3.18 39.54 -6.38
N GLY A 2 2.46 38.97 -5.38
CA GLY A 2 2.85 37.71 -4.74
C GLY A 2 2.40 36.48 -5.52
N SER A 3 3.26 35.44 -5.55
CA SER A 3 2.99 34.18 -6.27
C SER A 3 2.06 33.27 -5.45
N SER A 4 1.00 32.75 -6.10
CA SER A 4 0.06 31.80 -5.48
C SER A 4 0.76 30.45 -5.20
N HIS A 5 0.78 30.06 -3.91
CA HIS A 5 1.46 28.85 -3.42
C HIS A 5 0.46 27.93 -2.70
N HIS A 6 0.83 26.65 -2.54
CA HIS A 6 -0.03 25.62 -1.94
C HIS A 6 -0.32 25.93 -0.45
N HIS A 7 -1.62 26.11 -0.15
CA HIS A 7 -2.10 26.57 1.17
C HIS A 7 -2.34 25.37 2.09
N HIS A 8 -3.06 24.36 1.58
CA HIS A 8 -3.43 23.15 2.34
C HIS A 8 -2.28 22.12 2.37
N HIS A 9 -1.43 22.16 1.33
CA HIS A 9 -0.29 21.20 1.17
C HIS A 9 1.04 21.95 1.04
N HIS A 10 1.50 22.55 2.16
CA HIS A 10 2.86 23.10 2.26
C HIS A 10 3.77 22.00 2.85
N SER A 11 3.61 21.74 4.16
CA SER A 11 4.40 20.73 4.91
C SER A 11 4.13 19.32 4.35
N SER A 12 2.85 19.00 4.16
CA SER A 12 2.42 17.80 3.44
C SER A 12 2.68 18.02 1.94
N GLY A 13 3.83 17.50 1.46
CA GLY A 13 4.32 17.76 0.10
C GLY A 13 5.83 17.99 0.12
N LEU A 14 6.32 18.49 1.27
CA LEU A 14 7.76 18.51 1.59
C LEU A 14 8.13 17.12 2.18
N VAL A 15 7.25 16.65 3.10
CA VAL A 15 7.23 15.26 3.65
C VAL A 15 8.55 14.87 4.37
N PRO A 16 8.59 14.94 5.74
CA PRO A 16 9.64 14.26 6.54
C PRO A 16 9.63 12.74 6.27
N ARG A 17 10.82 12.14 6.14
CA ARG A 17 10.97 10.72 5.73
C ARG A 17 10.59 9.73 6.85
N GLY A 18 10.14 10.27 8.02
CA GLY A 18 9.54 9.48 9.10
C GLY A 18 8.08 9.16 8.81
N SER A 19 7.86 8.49 7.68
CA SER A 19 6.54 8.11 7.15
C SER A 19 6.75 7.08 6.03
N HIS A 20 5.69 6.31 5.70
CA HIS A 20 5.76 5.28 4.65
C HIS A 20 4.38 5.15 3.97
N MET A 21 4.39 4.78 2.68
CA MET A 21 3.16 4.65 1.85
C MET A 21 2.46 3.30 2.09
N LYS A 22 1.19 3.21 1.68
CA LYS A 22 0.37 2.00 1.85
C LYS A 22 0.50 1.09 0.63
N THR A 23 1.21 -0.02 0.83
CA THR A 23 1.41 -1.06 -0.17
C THR A 23 0.10 -1.82 -0.43
N VAL A 24 -0.43 -1.70 -1.66
CA VAL A 24 -1.57 -2.50 -2.15
C VAL A 24 -1.05 -3.54 -3.14
N GLU A 25 -0.94 -4.79 -2.68
CA GLU A 25 -0.42 -5.90 -3.49
C GLU A 25 -1.58 -6.66 -4.14
N VAL A 26 -1.41 -7.00 -5.42
CA VAL A 26 -2.32 -7.86 -6.17
C VAL A 26 -1.54 -8.57 -7.29
N ASN A 27 -1.82 -9.89 -7.48
CA ASN A 27 -1.19 -10.75 -8.49
C ASN A 27 0.33 -10.89 -8.19
N GLY A 28 0.69 -10.73 -6.90
CA GLY A 28 2.09 -10.77 -6.45
C GLY A 28 2.80 -9.42 -6.54
N VAL A 29 2.22 -8.49 -7.33
CA VAL A 29 2.82 -7.19 -7.63
C VAL A 29 2.33 -6.13 -6.61
N LYS A 30 3.28 -5.47 -5.95
CA LYS A 30 3.03 -4.47 -4.90
C LYS A 30 2.93 -3.05 -5.50
N TYR A 31 1.84 -2.33 -5.17
CA TYR A 31 1.58 -0.96 -5.66
C TYR A 31 1.50 0.01 -4.47
N ASP A 32 2.60 0.75 -4.22
CA ASP A 32 2.68 1.73 -3.11
C ASP A 32 1.84 2.96 -3.45
N PHE A 33 0.96 3.37 -2.52
CA PHE A 33 -0.06 4.41 -2.77
C PHE A 33 0.14 5.61 -1.83
N ASP A 34 -0.30 6.79 -2.30
CA ASP A 34 0.02 8.10 -1.70
C ASP A 34 -0.55 8.28 -0.28
N ASN A 35 -1.76 7.74 -0.07
CA ASN A 35 -2.48 7.90 1.23
C ASN A 35 -3.37 6.65 1.47
N PRO A 36 -3.59 6.19 2.78
CA PRO A 36 -4.46 5.02 3.11
C PRO A 36 -5.90 5.17 2.60
N GLU A 37 -6.35 6.42 2.41
CA GLU A 37 -7.70 6.71 1.92
C GLU A 37 -7.82 6.24 0.47
N GLN A 38 -6.84 6.67 -0.35
CA GLN A 38 -6.77 6.34 -1.78
C GLN A 38 -6.37 4.86 -1.99
N ALA A 39 -5.59 4.32 -1.04
CA ALA A 39 -5.10 2.92 -1.06
C ALA A 39 -6.27 1.94 -0.88
N ARG A 40 -7.17 2.28 0.05
CA ARG A 40 -8.42 1.54 0.28
C ARG A 40 -9.31 1.54 -0.99
N GLU A 41 -9.40 2.71 -1.63
CA GLU A 41 -10.22 2.89 -2.83
C GLU A 41 -9.76 1.97 -3.96
N MET A 42 -8.43 1.93 -4.23
CA MET A 42 -7.87 1.07 -5.28
C MET A 42 -8.06 -0.42 -4.91
N ALA A 43 -7.67 -0.77 -3.67
CA ALA A 43 -7.56 -2.17 -3.21
C ALA A 43 -8.88 -2.93 -3.27
N GLU A 44 -9.93 -2.35 -2.67
CA GLU A 44 -11.25 -2.99 -2.57
C GLU A 44 -11.94 -3.10 -3.95
N ARG A 45 -11.70 -2.10 -4.83
CA ARG A 45 -12.24 -2.10 -6.21
C ARG A 45 -11.58 -3.21 -7.08
N ILE A 46 -10.26 -3.40 -6.91
CA ILE A 46 -9.51 -4.47 -7.59
C ILE A 46 -9.96 -5.85 -7.08
N ALA A 47 -10.18 -5.95 -5.76
CA ALA A 47 -10.54 -7.20 -5.08
C ALA A 47 -11.84 -7.78 -5.65
N LYS A 48 -12.91 -6.96 -5.63
CA LYS A 48 -14.24 -7.36 -6.15
C LYS A 48 -14.22 -7.54 -7.69
N SER A 49 -13.29 -6.84 -8.39
CA SER A 49 -13.12 -6.95 -9.86
C SER A 49 -12.67 -8.37 -10.26
N LEU A 50 -11.74 -8.91 -9.46
CA LEU A 50 -11.14 -10.23 -9.68
C LEU A 50 -11.89 -11.33 -8.90
N GLY A 51 -12.93 -10.94 -8.14
CA GLY A 51 -13.71 -11.86 -7.31
C GLY A 51 -13.06 -12.16 -5.97
N LEU A 52 -11.82 -11.67 -5.79
CA LEU A 52 -10.99 -11.92 -4.60
C LEU A 52 -11.44 -11.02 -3.41
N GLN A 53 -10.74 -11.14 -2.29
CA GLN A 53 -10.92 -10.24 -1.12
C GLN A 53 -9.58 -9.57 -0.79
N VAL A 54 -9.65 -8.28 -0.43
CA VAL A 54 -8.47 -7.51 -0.03
C VAL A 54 -8.02 -7.93 1.39
N ARG A 55 -6.93 -8.71 1.43
CA ARG A 55 -6.28 -9.16 2.65
C ARG A 55 -5.36 -8.05 3.19
N LEU A 56 -5.83 -7.30 4.18
CA LEU A 56 -4.96 -6.39 4.94
C LEU A 56 -4.10 -7.23 5.89
N GLU A 57 -2.85 -7.50 5.48
CA GLU A 57 -1.87 -8.23 6.29
C GLU A 57 -1.09 -7.21 7.12
N GLY A 58 -1.67 -6.87 8.29
CA GLY A 58 -1.11 -5.90 9.21
C GLY A 58 -1.03 -4.49 8.62
N ASP A 59 0.19 -4.10 8.21
CA ASP A 59 0.47 -2.74 7.69
C ASP A 59 0.22 -2.67 6.17
N THR A 60 0.31 -3.83 5.49
CA THR A 60 0.33 -3.90 4.02
C THR A 60 -0.97 -4.53 3.49
N PHE A 61 -1.66 -3.82 2.57
CA PHE A 61 -2.79 -4.38 1.81
C PHE A 61 -2.25 -5.42 0.81
N LYS A 62 -3.01 -6.51 0.68
CA LYS A 62 -2.79 -7.58 -0.29
C LYS A 62 -4.17 -7.98 -0.82
N ILE A 63 -4.23 -8.66 -1.97
CA ILE A 63 -5.51 -9.09 -2.58
C ILE A 63 -5.40 -10.57 -2.96
N GLU A 64 -6.07 -11.42 -2.16
CA GLU A 64 -5.99 -12.89 -2.29
C GLU A 64 -7.39 -13.48 -2.56
N MET A 1 21.93 -29.31 1.59
CA MET A 1 22.75 -28.07 1.54
C MET A 1 22.38 -27.26 0.28
N GLY A 2 22.52 -25.93 0.38
CA GLY A 2 22.23 -25.01 -0.73
C GLY A 2 22.97 -23.70 -0.55
N SER A 3 23.99 -23.45 -1.38
CA SER A 3 24.81 -22.23 -1.30
C SER A 3 24.00 -20.99 -1.74
N SER A 4 23.46 -20.25 -0.75
CA SER A 4 22.60 -19.08 -0.95
C SER A 4 23.29 -17.99 -1.79
N HIS A 5 24.50 -17.60 -1.34
CA HIS A 5 25.31 -16.52 -1.97
C HIS A 5 24.59 -15.14 -1.92
N HIS A 6 23.55 -15.06 -1.06
CA HIS A 6 22.69 -13.87 -0.92
C HIS A 6 23.47 -12.75 -0.22
N HIS A 7 24.07 -11.88 -1.03
CA HIS A 7 24.81 -10.69 -0.57
C HIS A 7 24.07 -9.44 -1.09
N HIS A 8 24.15 -9.22 -2.41
CA HIS A 8 23.34 -8.23 -3.16
C HIS A 8 23.09 -8.77 -4.58
N HIS A 9 22.23 -8.07 -5.33
CA HIS A 9 22.02 -8.31 -6.77
C HIS A 9 21.86 -6.96 -7.48
N HIS A 10 22.47 -6.85 -8.68
CA HIS A 10 22.29 -5.68 -9.56
C HIS A 10 20.80 -5.54 -9.95
N SER A 11 20.13 -6.70 -10.09
CA SER A 11 18.67 -6.78 -10.24
C SER A 11 17.99 -6.47 -8.89
N SER A 12 17.85 -5.16 -8.61
CA SER A 12 17.20 -4.66 -7.37
C SER A 12 15.73 -4.27 -7.70
N GLY A 13 15.07 -3.51 -6.81
CA GLY A 13 13.68 -3.09 -7.00
C GLY A 13 12.69 -4.00 -6.28
N LEU A 14 13.22 -4.90 -5.44
CA LEU A 14 12.40 -5.77 -4.56
C LEU A 14 12.27 -5.07 -3.19
N VAL A 15 11.10 -4.45 -2.95
CA VAL A 15 10.80 -3.69 -1.70
C VAL A 15 10.87 -4.59 -0.43
N PRO A 16 11.18 -4.01 0.80
CA PRO A 16 11.31 -4.78 2.07
C PRO A 16 10.08 -5.66 2.42
N ARG A 17 10.35 -6.76 3.14
CA ARG A 17 9.31 -7.71 3.60
C ARG A 17 8.40 -7.04 4.63
N GLY A 18 7.13 -6.81 4.24
CA GLY A 18 6.20 -6.04 5.04
C GLY A 18 6.53 -4.57 5.00
N SER A 19 6.53 -4.01 3.76
CA SER A 19 6.77 -2.58 3.51
C SER A 19 5.77 -1.72 4.30
N HIS A 20 6.26 -1.00 5.34
CA HIS A 20 5.41 -0.25 6.29
C HIS A 20 4.95 1.08 5.67
N MET A 21 4.00 0.96 4.74
CA MET A 21 3.44 2.06 3.95
C MET A 21 1.96 1.73 3.60
N LYS A 22 1.35 2.56 2.75
CA LYS A 22 -0.05 2.39 2.27
C LYS A 22 -0.03 1.51 1.00
N THR A 23 0.55 0.32 1.16
CA THR A 23 0.92 -0.57 0.05
C THR A 23 -0.23 -1.54 -0.30
N VAL A 24 -0.69 -1.49 -1.56
CA VAL A 24 -1.72 -2.39 -2.09
C VAL A 24 -1.06 -3.46 -2.98
N GLU A 25 -0.94 -4.69 -2.43
CA GLU A 25 -0.35 -5.82 -3.14
C GLU A 25 -1.47 -6.61 -3.84
N VAL A 26 -1.35 -6.77 -5.15
CA VAL A 26 -2.25 -7.63 -5.94
C VAL A 26 -1.40 -8.47 -6.93
N ASN A 27 -1.74 -9.78 -7.00
CA ASN A 27 -1.05 -10.78 -7.85
C ASN A 27 0.40 -11.00 -7.35
N GLY A 28 0.60 -10.78 -6.04
CA GLY A 28 1.92 -10.90 -5.41
C GLY A 28 2.87 -9.74 -5.71
N VAL A 29 2.38 -8.73 -6.46
CA VAL A 29 3.13 -7.53 -6.82
C VAL A 29 2.63 -6.37 -5.96
N LYS A 30 3.53 -5.77 -5.17
CA LYS A 30 3.20 -4.62 -4.32
C LYS A 30 3.12 -3.31 -5.12
N TYR A 31 2.08 -2.52 -4.85
CA TYR A 31 1.90 -1.18 -5.43
C TYR A 31 1.59 -0.21 -4.28
N ASP A 32 2.61 0.54 -3.83
CA ASP A 32 2.42 1.54 -2.76
C ASP A 32 1.70 2.78 -3.32
N PHE A 33 0.70 3.27 -2.59
CA PHE A 33 -0.24 4.29 -3.08
C PHE A 33 0.03 5.66 -2.41
N ASP A 34 -0.83 6.65 -2.73
CA ASP A 34 -0.71 8.03 -2.23
C ASP A 34 -1.13 8.13 -0.75
N ASN A 35 -2.41 7.84 -0.46
CA ASN A 35 -2.99 7.87 0.90
C ASN A 35 -3.50 6.46 1.24
N PRO A 36 -3.57 6.07 2.56
CA PRO A 36 -4.21 4.79 3.00
C PRO A 36 -5.72 4.75 2.66
N GLU A 37 -6.31 5.95 2.52
CA GLU A 37 -7.71 6.15 2.12
C GLU A 37 -7.89 5.75 0.66
N GLN A 38 -7.02 6.31 -0.19
CA GLN A 38 -6.99 6.06 -1.64
C GLN A 38 -6.49 4.64 -1.94
N ALA A 39 -5.69 4.08 -1.01
CA ALA A 39 -5.18 2.71 -1.07
C ALA A 39 -6.33 1.71 -0.81
N ARG A 40 -7.19 2.07 0.15
CA ARG A 40 -8.41 1.31 0.50
C ARG A 40 -9.43 1.34 -0.66
N GLU A 41 -9.54 2.52 -1.32
CA GLU A 41 -10.37 2.68 -2.52
C GLU A 41 -9.87 1.75 -3.65
N MET A 42 -8.57 1.91 -4.02
CA MET A 42 -7.89 1.11 -5.08
C MET A 42 -8.08 -0.40 -4.83
N ALA A 43 -7.79 -0.81 -3.58
CA ALA A 43 -7.77 -2.21 -3.16
C ALA A 43 -9.12 -2.89 -3.38
N GLU A 44 -10.19 -2.31 -2.83
CA GLU A 44 -11.54 -2.91 -2.87
C GLU A 44 -12.16 -2.88 -4.29
N ARG A 45 -11.69 -1.93 -5.14
CA ARG A 45 -12.11 -1.83 -6.56
C ARG A 45 -11.44 -2.92 -7.40
N ILE A 46 -10.16 -3.22 -7.11
CA ILE A 46 -9.41 -4.31 -7.76
C ILE A 46 -9.93 -5.69 -7.25
N ALA A 47 -10.36 -5.72 -5.98
CA ALA A 47 -10.88 -6.92 -5.33
C ALA A 47 -12.17 -7.40 -6.00
N LYS A 48 -13.16 -6.51 -6.11
CA LYS A 48 -14.46 -6.81 -6.74
C LYS A 48 -14.31 -7.07 -8.26
N SER A 49 -13.26 -6.47 -8.86
CA SER A 49 -12.93 -6.62 -10.29
C SER A 49 -12.47 -8.06 -10.60
N LEU A 50 -11.62 -8.61 -9.72
CA LEU A 50 -11.04 -9.97 -9.88
C LEU A 50 -11.84 -11.02 -9.06
N GLY A 51 -12.79 -10.54 -8.24
CA GLY A 51 -13.58 -11.41 -7.34
C GLY A 51 -12.90 -11.65 -5.98
N LEU A 52 -11.61 -11.27 -5.88
CA LEU A 52 -10.76 -11.54 -4.71
C LEU A 52 -11.16 -10.69 -3.48
N GLN A 53 -10.50 -10.93 -2.33
CA GLN A 53 -10.74 -10.17 -1.09
C GLN A 53 -9.45 -9.48 -0.62
N VAL A 54 -9.57 -8.22 -0.18
CA VAL A 54 -8.45 -7.46 0.39
C VAL A 54 -8.20 -7.93 1.82
N ARG A 55 -7.03 -8.56 2.04
CA ARG A 55 -6.57 -8.96 3.38
C ARG A 55 -5.29 -8.18 3.72
N LEU A 56 -5.46 -7.16 4.56
CA LEU A 56 -4.37 -6.31 5.02
C LEU A 56 -3.47 -7.09 6.02
N GLU A 57 -2.32 -7.57 5.52
CA GLU A 57 -1.30 -8.23 6.35
C GLU A 57 -0.25 -7.17 6.74
N GLY A 58 -0.34 -6.72 8.01
CA GLY A 58 0.51 -5.63 8.48
C GLY A 58 0.16 -4.31 7.82
N ASP A 59 0.97 -3.88 6.82
CA ASP A 59 0.76 -2.63 6.06
C ASP A 59 0.54 -2.89 4.55
N THR A 60 0.47 -4.18 4.16
CA THR A 60 0.28 -4.57 2.75
C THR A 60 -1.13 -5.16 2.52
N PHE A 61 -2.01 -4.35 1.87
CA PHE A 61 -3.34 -4.76 1.42
C PHE A 61 -3.24 -5.87 0.34
N LYS A 62 -3.09 -7.13 0.80
CA LYS A 62 -2.88 -8.29 -0.08
C LYS A 62 -4.23 -8.81 -0.60
N ILE A 63 -4.57 -8.41 -1.84
CA ILE A 63 -5.80 -8.81 -2.52
C ILE A 63 -5.68 -10.26 -3.04
N GLU A 64 -6.18 -11.18 -2.21
CA GLU A 64 -6.16 -12.63 -2.50
C GLU A 64 -7.56 -13.21 -2.17
N MET A 1 29.06 22.44 -19.03
CA MET A 1 29.19 20.97 -19.13
C MET A 1 28.77 20.32 -17.80
N GLY A 2 28.74 18.98 -17.77
CA GLY A 2 28.33 18.23 -16.58
C GLY A 2 28.92 16.82 -16.58
N SER A 3 29.67 16.49 -15.52
CA SER A 3 30.27 15.15 -15.33
C SER A 3 29.29 14.24 -14.58
N SER A 4 28.90 13.10 -15.21
CA SER A 4 27.95 12.15 -14.62
C SER A 4 28.60 11.36 -13.45
N HIS A 5 28.61 11.99 -12.26
CA HIS A 5 29.22 11.43 -11.04
C HIS A 5 28.20 10.50 -10.34
N HIS A 6 28.22 9.21 -10.72
CA HIS A 6 27.27 8.21 -10.20
C HIS A 6 27.55 7.94 -8.70
N HIS A 7 26.53 8.22 -7.88
CA HIS A 7 26.65 8.23 -6.41
C HIS A 7 26.67 6.80 -5.87
N HIS A 8 27.89 6.34 -5.54
CA HIS A 8 28.12 5.07 -4.84
C HIS A 8 28.68 5.38 -3.44
N HIS A 9 28.02 4.88 -2.40
CA HIS A 9 28.43 5.07 -1.01
C HIS A 9 27.90 3.89 -0.16
N HIS A 10 28.82 3.26 0.59
CA HIS A 10 28.48 2.20 1.54
C HIS A 10 27.86 2.81 2.81
N SER A 11 26.79 2.20 3.31
CA SER A 11 25.93 2.79 4.37
C SER A 11 25.54 1.71 5.41
N SER A 12 26.50 0.80 5.71
CA SER A 12 26.30 -0.30 6.66
C SER A 12 26.18 0.24 8.11
N GLY A 13 24.96 0.22 8.66
CA GLY A 13 24.68 0.73 10.01
C GLY A 13 23.80 1.98 9.99
N LEU A 14 23.73 2.67 8.84
CA LEU A 14 22.89 3.87 8.65
C LEU A 14 21.54 3.50 8.00
N VAL A 15 21.19 2.20 8.06
CA VAL A 15 19.94 1.66 7.50
C VAL A 15 18.71 2.16 8.31
N PRO A 16 17.61 2.62 7.63
CA PRO A 16 16.37 3.04 8.32
C PRO A 16 15.48 1.84 8.70
N ARG A 17 14.29 2.13 9.26
CA ARG A 17 13.28 1.11 9.58
C ARG A 17 12.63 0.63 8.26
N GLY A 18 13.19 -0.47 7.71
CA GLY A 18 12.77 -1.03 6.42
C GLY A 18 11.39 -1.68 6.50
N SER A 19 10.35 -0.85 6.40
CA SER A 19 8.94 -1.28 6.48
C SER A 19 8.20 -0.86 5.20
N HIS A 20 6.98 -1.38 5.00
CA HIS A 20 6.17 -1.12 3.79
C HIS A 20 4.89 -0.38 4.18
N MET A 21 4.85 0.92 3.87
CA MET A 21 3.75 1.82 4.21
C MET A 21 2.72 1.88 3.05
N LYS A 22 1.41 1.78 3.41
CA LYS A 22 0.22 1.86 2.50
C LYS A 22 0.47 1.31 1.07
N THR A 23 0.56 -0.03 0.98
CA THR A 23 0.91 -0.74 -0.26
C THR A 23 -0.14 -1.81 -0.60
N VAL A 24 -0.59 -1.85 -1.86
CA VAL A 24 -1.63 -2.79 -2.31
C VAL A 24 -1.00 -3.90 -3.17
N GLU A 25 -0.91 -5.11 -2.60
CA GLU A 25 -0.32 -6.26 -3.30
C GLU A 25 -1.42 -7.09 -3.95
N VAL A 26 -1.60 -6.93 -5.27
CA VAL A 26 -2.51 -7.78 -6.07
C VAL A 26 -1.72 -8.50 -7.17
N ASN A 27 -1.95 -9.84 -7.27
CA ASN A 27 -1.27 -10.75 -8.23
C ASN A 27 0.25 -10.76 -7.95
N GLY A 28 0.61 -10.47 -6.67
CA GLY A 28 2.01 -10.40 -6.21
C GLY A 28 2.62 -9.02 -6.37
N VAL A 29 1.98 -8.17 -7.20
CA VAL A 29 2.50 -6.84 -7.57
C VAL A 29 2.07 -5.81 -6.51
N LYS A 30 3.06 -5.19 -5.88
CA LYS A 30 2.88 -4.20 -4.80
C LYS A 30 2.84 -2.76 -5.35
N TYR A 31 1.65 -2.13 -5.24
CA TYR A 31 1.42 -0.73 -5.63
C TYR A 31 1.42 0.14 -4.37
N ASP A 32 2.53 0.84 -4.13
CA ASP A 32 2.67 1.69 -2.93
C ASP A 32 2.01 3.06 -3.18
N PHE A 33 1.47 3.67 -2.12
CA PHE A 33 0.70 4.93 -2.20
C PHE A 33 1.27 5.97 -1.24
N ASP A 34 0.71 7.19 -1.33
CA ASP A 34 0.94 8.27 -0.39
C ASP A 34 -0.06 8.14 0.77
N ASN A 35 -1.34 7.93 0.42
CA ASN A 35 -2.45 7.81 1.39
C ASN A 35 -3.01 6.37 1.41
N PRO A 36 -3.38 5.83 2.62
CA PRO A 36 -3.99 4.48 2.75
C PRO A 36 -5.43 4.46 2.23
N GLU A 37 -6.00 5.67 2.05
CA GLU A 37 -7.39 5.88 1.65
C GLU A 37 -7.55 5.48 0.18
N GLN A 38 -6.68 6.06 -0.64
CA GLN A 38 -6.62 5.82 -2.10
C GLN A 38 -6.22 4.36 -2.37
N ALA A 39 -5.33 3.85 -1.48
CA ALA A 39 -4.85 2.46 -1.52
C ALA A 39 -6.00 1.48 -1.29
N ARG A 40 -6.79 1.75 -0.23
CA ARG A 40 -7.86 0.87 0.23
C ARG A 40 -9.01 0.83 -0.79
N GLU A 41 -9.39 2.02 -1.29
CA GLU A 41 -10.48 2.16 -2.26
C GLU A 41 -10.16 1.47 -3.60
N MET A 42 -8.89 1.62 -4.07
CA MET A 42 -8.44 0.91 -5.30
C MET A 42 -8.46 -0.61 -5.05
N ALA A 43 -8.00 -1.01 -3.84
CA ALA A 43 -7.95 -2.41 -3.40
C ALA A 43 -9.32 -3.08 -3.48
N GLU A 44 -10.34 -2.39 -2.94
CA GLU A 44 -11.73 -2.89 -2.90
C GLU A 44 -12.31 -3.05 -4.32
N ARG A 45 -11.96 -2.11 -5.21
CA ARG A 45 -12.41 -2.11 -6.62
C ARG A 45 -11.79 -3.28 -7.40
N ILE A 46 -10.47 -3.51 -7.19
CA ILE A 46 -9.72 -4.61 -7.84
C ILE A 46 -10.19 -5.97 -7.29
N ALA A 47 -10.51 -5.99 -5.98
CA ALA A 47 -10.94 -7.20 -5.27
C ALA A 47 -12.24 -7.74 -5.87
N LYS A 48 -13.26 -6.88 -5.98
CA LYS A 48 -14.56 -7.25 -6.56
C LYS A 48 -14.42 -7.53 -8.08
N SER A 49 -13.47 -6.85 -8.74
CA SER A 49 -13.18 -7.00 -10.18
C SER A 49 -12.63 -8.40 -10.50
N LEU A 50 -11.79 -8.93 -9.59
CA LEU A 50 -11.15 -10.26 -9.76
C LEU A 50 -11.83 -11.35 -8.91
N GLY A 51 -12.79 -10.94 -8.06
CA GLY A 51 -13.48 -11.85 -7.13
C GLY A 51 -12.68 -12.13 -5.85
N LEU A 52 -11.45 -11.57 -5.76
CA LEU A 52 -10.54 -11.79 -4.63
C LEU A 52 -10.91 -10.89 -3.43
N GLN A 53 -10.22 -11.09 -2.27
CA GLN A 53 -10.54 -10.36 -1.03
C GLN A 53 -9.33 -9.52 -0.57
N VAL A 54 -9.57 -8.27 -0.12
CA VAL A 54 -8.49 -7.38 0.37
C VAL A 54 -8.04 -7.81 1.77
N ARG A 55 -6.92 -8.54 1.81
CA ARG A 55 -6.29 -9.02 3.04
C ARG A 55 -5.26 -7.98 3.53
N LEU A 56 -5.70 -7.07 4.43
CA LEU A 56 -4.80 -6.11 5.07
C LEU A 56 -3.90 -6.86 6.09
N GLU A 57 -2.66 -7.12 5.67
CA GLU A 57 -1.64 -7.73 6.52
C GLU A 57 -0.69 -6.61 6.98
N GLY A 58 -0.67 -6.33 8.28
CA GLY A 58 0.18 -5.26 8.82
C GLY A 58 -0.29 -3.89 8.35
N ASP A 59 0.42 -3.32 7.36
CA ASP A 59 0.10 -2.00 6.79
C ASP A 59 0.01 -2.09 5.23
N THR A 60 -0.11 -3.34 4.72
CA THR A 60 -0.18 -3.63 3.26
C THR A 60 -1.50 -4.33 2.91
N PHE A 61 -2.30 -3.69 2.04
CA PHE A 61 -3.57 -4.20 1.53
C PHE A 61 -3.34 -5.23 0.40
N LYS A 62 -3.11 -6.50 0.78
CA LYS A 62 -3.03 -7.60 -0.21
C LYS A 62 -4.44 -7.88 -0.79
N ILE A 63 -4.51 -8.53 -1.96
CA ILE A 63 -5.79 -8.89 -2.60
C ILE A 63 -5.71 -10.37 -3.01
N GLU A 64 -6.11 -11.23 -2.07
CA GLU A 64 -6.00 -12.68 -2.18
C GLU A 64 -7.41 -13.29 -1.94
#